data_6MFX
#
_entry.id   6MFX
#
_cell.length_a   67.449
_cell.length_b   73.987
_cell.length_c   77.076
_cell.angle_alpha   94.310
_cell.angle_beta   114.860
_cell.angle_gamma   92.230
#
_symmetry.space_group_name_H-M   'P 1'
#
loop_
_entity.id
_entity.type
_entity.pdbx_description
1 polymer 'Linear gramicidin synthase subunit A'
2 non-polymer N-[2-(acetylamino)ethyl]-N~3~-[(2R)-2-hydroxy-3,3-dimethyl-4-(phosphonooxy)butanoyl]-beta-alaninamide
3 non-polymer 'DIPHOSPHOMETHYLPHOSPHONIC ACID ADENOSYL ESTER'
4 non-polymer VALINE
5 water water
#
_entity_poly.entity_id   1
_entity_poly.type   'polypeptide(L)'
_entity_poly.pdbx_seq_one_letter_code
;GAMGRILFLTTFMSKGNKVVRYLESLHHEVVISQEKVHAQSANLQEIDWIVSYAYGYILDKEIVSRFRGRIINLHPSLLP
WNKGRDPVFWSVWDETPKGVTIHLIDEHVDTGDILVQEEIAFADEDTLLDCYNKANQAIEELFIREWENIVHGRIAPYRQ
TAGGTLHFKADRDFYKNLNMTTVRELLALKRLSAEPKRGEKPIDKTFHQLFEQQVEMTPDHVAVVDRGQSLTYKQLNERA
NQLAHHLRGKGVKPDDQVAIMLDKSLDMIVSILAVMKAGGAYVPIDPDYPGERIAYMLADSSAAILLTNALHEEKANGAS
DIIDVHDPDSYSENTNNLPHVNRPDDLVYVMYTSGSTGLAKGVMIEHHNLVNFCEWYRPYFGVTPADKALVYSSFSFDGS
ALDIFTHLLAGAALHIVPSERKYDLDALNDYCNQEGITISYLPTGAAEQFMQMDNQSFRVVITGGDVLKKIERNGTYKLY
NGYGPTECTIMVTMFEVDKPYANIPIGKPIDRTRILILDEALALQPIGVAGELFIVGEGLGRGYLNRPELTAEKFIVHPQ
TGERMYRTGDRARFLPDGNIEFLGRLDNLVKIRGYRIEPGEIEPFLMNHPLIELTTVLAKEQADGRKYLVGYYVAPEEIP
HGELREWLGNDLPDYMIPTYFVHMKAFPLTANGKVDRRALPDVQADAELLGEDYVAPTDELEQQLAQVWSHVLGIPQMGI
DDHFLERGGDSIKVMQLIHQLKNIGLSLRYDQLFTHPTIRQLKRLLTEQKQVSLEPLRELDEQAEYETSAVEKCMYIIQQ
QDVESIAYNVVYTINFPLTVDTEQIRVALEQLVLRHEGLRSTYHMRGDEIVKRIVPRAELSFVRQTGEEESVQSLLAEQI
KPFDLAKAPLLRAGVIETADKKVLWFDSHHILLDGLSKSILARELQALLGQQVLSPVEKTYKSFARWQNEWFASDEYEQQ
IAYWKTLLQGELPAVQLPTKKRPPQLTFDGAIQMYRVNPEITRKLKATAAKHDLTLYMLMLTIVSIWLSKMNSDSNQVIL
GTVTDGRQHPDTRELLGMFVNTLPLLLSIDHEESFLHNLQQVKAKLLPALQNQYVPFDKILEAARVKREGNRHPLFDVMF
MMQGAPETELESNMHHINAGISKFDLTLEVLERENGLNIVFEYNTHLFDEGMILRMVAQFEHLLLQAVHGLDQQVKRFEL
VAAAENLYFQ
;
_entity_poly.pdbx_strand_id   A
#
loop_
_chem_comp.id
_chem_comp.type
_chem_comp.name
_chem_comp.formula
9EF non-polymer N-[2-(acetylamino)ethyl]-N~3~-[(2R)-2-hydroxy-3,3-dimethyl-4-(phosphonooxy)butanoyl]-beta-alaninamide 'C13 H26 N3 O8 P'
APC non-polymer 'DIPHOSPHOMETHYLPHOSPHONIC ACID ADENOSYL ESTER' 'C11 H18 N5 O12 P3'
#
# COMPACT_ATOMS: atom_id res chain seq x y z
N MET A 3 -15.76 -46.75 -23.80
CA MET A 3 -15.38 -47.87 -22.89
C MET A 3 -13.88 -47.87 -22.63
N GLY A 4 -13.51 -48.01 -21.37
CA GLY A 4 -12.10 -48.02 -21.00
C GLY A 4 -11.95 -47.71 -19.52
N ARG A 5 -10.68 -47.52 -19.13
CA ARG A 5 -10.33 -47.21 -17.75
C ARG A 5 -9.18 -46.22 -17.78
N ILE A 6 -9.44 -44.99 -17.35
CA ILE A 6 -8.49 -43.89 -17.47
C ILE A 6 -7.97 -43.50 -16.10
N LEU A 7 -6.69 -43.19 -16.04
CA LEU A 7 -6.05 -42.68 -14.83
C LEU A 7 -5.75 -41.20 -15.03
N PHE A 8 -6.41 -40.35 -14.23
CA PHE A 8 -6.30 -38.90 -14.33
C PHE A 8 -5.34 -38.41 -13.26
N LEU A 9 -4.19 -37.90 -13.68
CA LEU A 9 -3.15 -37.37 -12.79
C LEU A 9 -3.15 -35.85 -12.89
N THR A 10 -3.49 -35.18 -11.79
CA THR A 10 -3.73 -33.74 -11.84
C THR A 10 -3.33 -33.12 -10.49
N THR A 11 -3.62 -31.82 -10.34
CA THR A 11 -3.11 -31.07 -9.20
C THR A 11 -3.87 -31.41 -7.92
N PHE A 12 -5.20 -31.35 -7.96
CA PHE A 12 -6.02 -31.66 -6.81
C PHE A 12 -7.28 -32.36 -7.30
N MET A 13 -8.17 -32.69 -6.36
CA MET A 13 -9.31 -33.56 -6.67
C MET A 13 -10.19 -32.96 -7.76
N SER A 14 -10.55 -31.68 -7.62
CA SER A 14 -11.51 -31.06 -8.52
C SER A 14 -10.87 -30.42 -9.75
N LYS A 15 -9.56 -30.54 -9.93
CA LYS A 15 -8.93 -29.97 -11.11
C LYS A 15 -9.34 -30.76 -12.35
N GLY A 16 -9.87 -30.07 -13.35
CA GLY A 16 -10.34 -30.71 -14.55
C GLY A 16 -11.70 -31.38 -14.39
N ASN A 17 -12.65 -30.65 -13.80
CA ASN A 17 -13.98 -31.19 -13.59
C ASN A 17 -14.67 -31.50 -14.91
N LYS A 18 -14.60 -30.56 -15.86
CA LYS A 18 -15.30 -30.75 -17.13
C LYS A 18 -14.82 -32.00 -17.86
N VAL A 19 -13.51 -32.22 -17.91
CA VAL A 19 -12.98 -33.31 -18.73
C VAL A 19 -13.31 -34.65 -18.11
N VAL A 20 -13.32 -34.74 -16.78
CA VAL A 20 -13.70 -35.99 -16.13
C VAL A 20 -15.17 -36.30 -16.38
N ARG A 21 -16.03 -35.27 -16.28
CA ARG A 21 -17.46 -35.49 -16.52
C ARG A 21 -17.70 -35.92 -17.96
N TYR A 22 -16.95 -35.36 -18.90
CA TYR A 22 -17.10 -35.75 -20.30
C TYR A 22 -16.63 -37.18 -20.52
N LEU A 23 -15.46 -37.54 -19.96
CA LEU A 23 -14.96 -38.90 -20.11
C LEU A 23 -15.92 -39.90 -19.48
N GLU A 24 -16.46 -39.57 -18.30
CA GLU A 24 -17.43 -40.46 -17.65
C GLU A 24 -18.70 -40.58 -18.47
N SER A 25 -19.17 -39.47 -19.05
CA SER A 25 -20.37 -39.51 -19.87
C SER A 25 -20.22 -40.44 -21.07
N LEU A 26 -18.99 -40.69 -21.51
CA LEU A 26 -18.73 -41.65 -22.57
C LEU A 26 -18.52 -43.06 -22.04
N HIS A 27 -18.85 -43.30 -20.77
CA HIS A 27 -18.78 -44.63 -20.14
C HIS A 27 -17.35 -45.07 -19.86
N HIS A 28 -16.41 -44.12 -19.76
CA HIS A 28 -15.07 -44.42 -19.27
C HIS A 28 -15.08 -44.36 -17.75
N GLU A 29 -14.31 -45.25 -17.13
CA GLU A 29 -14.10 -45.23 -15.68
C GLU A 29 -12.82 -44.46 -15.39
N VAL A 30 -12.94 -43.40 -14.60
CA VAL A 30 -11.83 -42.49 -14.32
C VAL A 30 -11.40 -42.67 -12.88
N VAL A 31 -10.09 -42.85 -12.67
CA VAL A 31 -9.49 -42.87 -11.35
C VAL A 31 -8.64 -41.61 -11.22
N ILE A 32 -8.97 -40.77 -10.24
CA ILE A 32 -8.30 -39.48 -10.05
C ILE A 32 -7.27 -39.64 -8.94
N SER A 33 -6.07 -39.12 -9.17
CA SER A 33 -5.03 -39.13 -8.15
C SER A 33 -4.10 -37.95 -8.37
N GLN A 34 -3.52 -37.47 -7.27
CA GLN A 34 -2.53 -36.40 -7.31
C GLN A 34 -1.19 -36.83 -6.74
N GLU A 35 -1.09 -38.05 -6.20
CA GLU A 35 0.12 -38.53 -5.58
C GLU A 35 1.05 -39.18 -6.60
N LYS A 36 2.28 -39.45 -6.18
CA LYS A 36 3.22 -40.14 -7.03
C LYS A 36 2.73 -41.56 -7.31
N VAL A 37 3.13 -42.10 -8.45
CA VAL A 37 2.70 -43.42 -8.90
C VAL A 37 3.90 -44.36 -8.82
N HIS A 38 3.76 -45.43 -8.06
CA HIS A 38 4.80 -46.44 -7.95
C HIS A 38 4.72 -47.39 -9.14
N ALA A 39 5.89 -47.86 -9.59
CA ALA A 39 5.95 -48.75 -10.74
C ALA A 39 5.07 -49.98 -10.54
N GLN A 40 4.86 -50.41 -9.30
CA GLN A 40 3.96 -51.51 -8.96
C GLN A 40 2.99 -51.01 -7.91
N SER A 41 1.75 -50.72 -8.33
CA SER A 41 0.74 -50.20 -7.42
C SER A 41 -0.64 -50.53 -7.99
N ALA A 42 -1.67 -50.25 -7.19
CA ALA A 42 -3.03 -50.50 -7.63
C ALA A 42 -3.48 -49.51 -8.69
N ASN A 43 -2.88 -48.32 -8.72
CA ASN A 43 -3.24 -47.33 -9.72
C ASN A 43 -2.90 -47.83 -11.12
N LEU A 44 -1.75 -48.50 -11.29
CA LEU A 44 -1.27 -48.84 -12.62
C LEU A 44 -1.97 -50.05 -13.22
N GLN A 45 -2.40 -51.00 -12.39
CA GLN A 45 -2.95 -52.24 -12.91
C GLN A 45 -4.33 -52.01 -13.52
N GLU A 46 -4.54 -52.55 -14.74
CA GLU A 46 -5.81 -52.48 -15.52
C GLU A 46 -6.09 -51.06 -16.05
N ILE A 47 -5.08 -50.37 -16.58
CA ILE A 47 -5.16 -48.98 -17.01
C ILE A 47 -5.02 -48.93 -18.52
N ASP A 48 -6.00 -48.30 -19.19
CA ASP A 48 -5.96 -48.14 -20.64
C ASP A 48 -5.20 -46.89 -21.04
N TRP A 49 -5.62 -45.73 -20.54
CA TRP A 49 -4.99 -44.46 -20.84
C TRP A 49 -4.53 -43.76 -19.57
N ILE A 50 -3.53 -42.90 -19.71
CA ILE A 50 -3.09 -42.01 -18.66
C ILE A 50 -3.19 -40.60 -19.19
N VAL A 51 -4.01 -39.77 -18.55
CA VAL A 51 -4.20 -38.37 -18.90
C VAL A 51 -3.69 -37.52 -17.75
N SER A 52 -2.73 -36.64 -18.02
CA SER A 52 -2.13 -35.77 -17.02
C SER A 52 -2.47 -34.31 -17.31
N TYR A 53 -2.72 -33.54 -16.24
CA TYR A 53 -3.15 -32.14 -16.37
C TYR A 53 -2.61 -31.40 -15.15
N ALA A 54 -1.52 -30.66 -15.36
CA ALA A 54 -0.86 -29.92 -14.27
C ALA A 54 -0.38 -30.86 -13.17
N TYR A 55 0.02 -32.08 -13.55
CA TYR A 55 0.51 -33.06 -12.59
C TYR A 55 1.82 -32.60 -11.98
N GLY A 56 2.03 -32.98 -10.72
CA GLY A 56 3.15 -32.44 -9.97
C GLY A 56 4.40 -33.29 -9.92
N TYR A 57 4.35 -34.51 -10.45
CA TYR A 57 5.46 -35.44 -10.38
C TYR A 57 5.83 -35.94 -11.78
N ILE A 58 7.03 -36.48 -11.87
CA ILE A 58 7.51 -37.13 -13.09
C ILE A 58 7.29 -38.63 -12.95
N LEU A 59 6.95 -39.29 -14.04
CA LEU A 59 6.74 -40.73 -14.05
C LEU A 59 8.05 -41.46 -14.29
N ASP A 60 8.14 -42.67 -13.74
CA ASP A 60 9.34 -43.48 -13.92
C ASP A 60 9.53 -43.89 -15.37
N LYS A 61 10.78 -44.12 -15.76
CA LYS A 61 11.07 -44.55 -17.12
C LYS A 61 10.35 -45.85 -17.46
N GLU A 62 10.14 -46.72 -16.47
CA GLU A 62 9.45 -47.98 -16.71
C GLU A 62 7.97 -47.77 -17.00
N ILE A 63 7.35 -46.77 -16.37
CA ILE A 63 5.93 -46.52 -16.60
C ILE A 63 5.72 -45.89 -17.98
N VAL A 64 6.54 -44.90 -18.33
CA VAL A 64 6.45 -44.30 -19.66
C VAL A 64 6.67 -45.35 -20.74
N SER A 65 7.45 -46.39 -20.43
CA SER A 65 7.69 -47.46 -21.40
C SER A 65 6.45 -48.33 -21.56
N ARG A 66 5.89 -48.81 -20.45
CA ARG A 66 4.72 -49.68 -20.51
C ARG A 66 3.49 -48.97 -21.05
N PHE A 67 3.54 -47.65 -21.24
CA PHE A 67 2.39 -46.89 -21.74
C PHE A 67 2.77 -46.04 -22.95
N ARG A 68 3.72 -46.51 -23.76
CA ARG A 68 4.07 -45.82 -25.00
C ARG A 68 2.82 -45.45 -25.78
N GLY A 69 2.74 -44.19 -26.20
CA GLY A 69 1.60 -43.73 -26.97
C GLY A 69 0.27 -43.74 -26.24
N ARG A 70 0.29 -43.96 -24.92
CA ARG A 70 -0.93 -44.00 -24.11
C ARG A 70 -0.94 -42.96 -23.00
N ILE A 71 0.06 -42.10 -22.94
CA ILE A 71 0.14 -41.02 -21.92
C ILE A 71 -0.09 -39.67 -22.61
N ILE A 72 -1.23 -39.04 -22.41
CA ILE A 72 -1.55 -37.74 -23.01
C ILE A 72 -1.43 -36.67 -21.92
N ASN A 73 -0.84 -35.52 -22.22
CA ASN A 73 -0.64 -34.42 -21.26
C ASN A 73 -1.34 -33.17 -21.77
N LEU A 74 -2.01 -32.44 -20.90
CA LEU A 74 -2.62 -31.15 -21.20
C LEU A 74 -1.70 -30.08 -20.64
N HIS A 75 -1.08 -29.29 -21.52
CA HIS A 75 -0.12 -28.27 -21.12
C HIS A 75 -0.57 -26.92 -21.68
N PRO A 76 -0.87 -25.92 -20.83
CA PRO A 76 -1.42 -24.65 -21.33
C PRO A 76 -0.35 -23.68 -21.82
N SER A 77 0.38 -24.10 -22.86
CA SER A 77 1.30 -23.23 -23.57
C SER A 77 1.42 -23.74 -25.00
N LEU A 78 2.00 -22.89 -25.87
CA LEU A 78 2.22 -23.25 -27.27
C LEU A 78 3.64 -23.81 -27.39
N LEU A 79 3.78 -25.08 -27.07
CA LEU A 79 5.10 -25.70 -27.05
C LEU A 79 5.76 -25.59 -28.42
N PRO A 80 7.09 -25.40 -28.48
CA PRO A 80 8.04 -25.53 -27.38
C PRO A 80 8.18 -24.30 -26.48
N TRP A 81 7.44 -23.22 -26.74
CA TRP A 81 7.50 -22.08 -25.84
C TRP A 81 6.93 -22.45 -24.48
N ASN A 82 7.61 -21.99 -23.42
CA ASN A 82 7.11 -22.07 -22.05
C ASN A 82 6.88 -23.51 -21.61
N LYS A 83 7.89 -24.35 -21.81
CA LYS A 83 7.93 -25.65 -21.17
C LYS A 83 8.09 -25.47 -19.66
N GLY A 84 7.66 -26.46 -18.90
CA GLY A 84 7.87 -26.45 -17.46
C GLY A 84 6.78 -25.69 -16.72
N ARG A 85 7.17 -24.84 -15.77
CA ARG A 85 6.26 -24.30 -14.78
C ARG A 85 5.79 -22.88 -15.12
N ASP A 86 4.59 -22.55 -14.63
CA ASP A 86 3.99 -21.23 -14.80
C ASP A 86 3.96 -20.77 -16.26
N PRO A 87 3.55 -21.63 -17.19
CA PRO A 87 3.68 -21.29 -18.61
C PRO A 87 2.93 -20.05 -19.04
N VAL A 88 1.72 -19.84 -18.50
CA VAL A 88 0.94 -18.68 -18.91
C VAL A 88 1.63 -17.39 -18.49
N PHE A 89 2.07 -17.32 -17.23
CA PHE A 89 2.76 -16.12 -16.77
C PHE A 89 3.95 -15.80 -17.65
N TRP A 90 4.83 -16.79 -17.87
CA TRP A 90 6.03 -16.55 -18.65
C TRP A 90 5.72 -16.24 -20.11
N SER A 91 4.65 -16.79 -20.67
CA SER A 91 4.27 -16.43 -22.03
C SER A 91 3.93 -14.95 -22.14
N VAL A 92 3.34 -14.36 -21.09
CA VAL A 92 3.00 -12.94 -21.11
C VAL A 92 4.23 -12.09 -20.81
N TRP A 93 4.98 -12.45 -19.76
CA TRP A 93 6.14 -11.65 -19.39
C TRP A 93 7.22 -11.66 -20.46
N ASP A 94 7.47 -12.81 -21.08
CA ASP A 94 8.46 -12.92 -22.14
C ASP A 94 7.91 -12.58 -23.52
N GLU A 95 6.62 -12.31 -23.63
CA GLU A 95 6.01 -11.92 -24.91
C GLU A 95 6.25 -12.98 -25.97
N THR A 96 5.92 -14.22 -25.65
CA THR A 96 6.03 -15.33 -26.58
C THR A 96 4.70 -15.60 -27.26
N PRO A 97 4.69 -16.42 -28.31
CA PRO A 97 3.41 -16.90 -28.84
C PRO A 97 2.61 -17.59 -27.75
N LYS A 98 1.29 -17.46 -27.83
CA LYS A 98 0.39 -17.95 -26.80
C LYS A 98 -0.54 -19.01 -27.36
N GLY A 99 -0.78 -20.05 -26.56
CA GLY A 99 -1.65 -21.13 -26.97
C GLY A 99 -1.65 -22.23 -25.93
N VAL A 100 -2.29 -23.34 -26.30
CA VAL A 100 -2.44 -24.51 -25.45
C VAL A 100 -2.14 -25.74 -26.32
N THR A 101 -1.58 -26.77 -25.69
CA THR A 101 -1.06 -27.94 -26.40
C THR A 101 -1.45 -29.22 -25.69
N ILE A 102 -1.96 -30.18 -26.46
CA ILE A 102 -2.14 -31.56 -26.01
C ILE A 102 -1.09 -32.40 -26.72
N HIS A 103 -0.26 -33.13 -25.94
CA HIS A 103 0.88 -33.84 -26.52
C HIS A 103 1.10 -35.15 -25.77
N LEU A 104 1.96 -35.99 -26.35
CA LEU A 104 2.36 -37.24 -25.75
C LEU A 104 3.52 -37.03 -24.80
N ILE A 105 3.56 -37.85 -23.76
CA ILE A 105 4.66 -37.86 -22.76
C ILE A 105 5.71 -38.84 -23.25
N ASP A 106 6.95 -38.38 -23.37
CA ASP A 106 8.07 -39.16 -23.86
C ASP A 106 9.08 -39.34 -22.73
N GLU A 107 10.21 -39.99 -23.07
CA GLU A 107 11.31 -40.07 -22.12
C GLU A 107 11.82 -38.69 -21.73
N HIS A 108 11.79 -37.74 -22.66
CA HIS A 108 12.23 -36.37 -22.40
C HIS A 108 11.00 -35.51 -22.10
N VAL A 109 11.09 -34.74 -21.01
CA VAL A 109 9.92 -34.08 -20.45
C VAL A 109 9.45 -32.93 -21.32
N ASP A 110 8.13 -32.78 -21.43
CA ASP A 110 7.50 -31.66 -22.13
C ASP A 110 8.08 -31.48 -23.54
N THR A 111 8.42 -32.60 -24.19
CA THR A 111 9.03 -32.60 -25.54
C THR A 111 8.40 -33.66 -26.45
N GLY A 112 7.46 -34.48 -25.96
CA GLY A 112 6.86 -35.50 -26.79
C GLY A 112 6.04 -34.91 -27.92
N ASP A 113 5.67 -35.80 -28.85
CA ASP A 113 5.02 -35.39 -30.08
C ASP A 113 3.69 -34.69 -29.81
N ILE A 114 3.41 -33.64 -30.59
CA ILE A 114 2.17 -32.90 -30.48
C ILE A 114 1.04 -33.71 -31.08
N LEU A 115 -0.12 -33.70 -30.41
CA LEU A 115 -1.35 -34.19 -30.99
C LEU A 115 -2.18 -33.07 -31.61
N VAL A 116 -2.49 -32.02 -30.83
CA VAL A 116 -3.21 -30.86 -31.33
C VAL A 116 -2.67 -29.63 -30.62
N GLN A 117 -2.60 -28.52 -31.34
CA GLN A 117 -2.14 -27.24 -30.82
C GLN A 117 -3.06 -26.16 -31.34
N GLU A 118 -3.31 -25.14 -30.52
CA GLU A 118 -4.12 -23.99 -30.93
C GLU A 118 -3.60 -22.74 -30.22
N GLU A 119 -3.75 -21.60 -30.89
CA GLU A 119 -3.35 -20.32 -30.33
C GLU A 119 -4.48 -19.74 -29.48
N ILE A 120 -4.09 -18.84 -28.56
CA ILE A 120 -5.03 -18.18 -27.66
C ILE A 120 -4.62 -16.73 -27.53
N ALA A 121 -5.59 -15.87 -27.25
CA ALA A 121 -5.36 -14.43 -27.16
C ALA A 121 -5.71 -13.94 -25.76
N PHE A 122 -4.89 -13.02 -25.24
CA PHE A 122 -5.09 -12.41 -23.93
C PHE A 122 -5.25 -10.89 -24.11
N ALA A 123 -6.36 -10.34 -23.63
CA ALA A 123 -6.63 -8.93 -23.80
C ALA A 123 -5.77 -8.08 -22.85
N ASP A 124 -5.53 -6.84 -23.27
CA ASP A 124 -4.68 -5.94 -22.48
C ASP A 124 -5.23 -5.73 -21.08
N GLU A 125 -6.56 -5.75 -20.91
CA GLU A 125 -7.16 -5.46 -19.63
C GLU A 125 -7.35 -6.69 -18.75
N ASP A 126 -7.05 -7.88 -19.27
CA ASP A 126 -7.16 -9.08 -18.46
C ASP A 126 -6.04 -9.13 -17.43
N THR A 127 -6.37 -9.61 -16.23
CA THR A 127 -5.33 -9.88 -15.25
C THR A 127 -4.66 -11.21 -15.54
N LEU A 128 -3.47 -11.38 -14.96
CA LEU A 128 -2.76 -12.65 -15.10
C LEU A 128 -3.60 -13.81 -14.59
N LEU A 129 -4.45 -13.57 -13.60
CA LEU A 129 -5.34 -14.62 -13.11
C LEU A 129 -6.40 -14.99 -14.15
N ASP A 130 -6.91 -13.99 -14.87
CA ASP A 130 -7.88 -14.27 -15.92
C ASP A 130 -7.23 -15.03 -17.08
N CYS A 131 -6.01 -14.63 -17.45
CA CYS A 131 -5.24 -15.37 -18.45
C CYS A 131 -5.10 -16.83 -18.03
N TYR A 132 -4.72 -17.06 -16.78
CA TYR A 132 -4.59 -18.43 -16.28
C TYR A 132 -5.88 -19.22 -16.46
N ASN A 133 -7.01 -18.66 -16.00
CA ASN A 133 -8.27 -19.39 -16.08
C ASN A 133 -8.75 -19.55 -17.51
N LYS A 134 -8.54 -18.54 -18.34
CA LYS A 134 -8.89 -18.63 -19.76
C LYS A 134 -8.10 -19.75 -20.45
N ALA A 135 -6.79 -19.83 -20.20
CA ALA A 135 -5.98 -20.87 -20.82
C ALA A 135 -6.44 -22.26 -20.40
N ASN A 136 -6.74 -22.44 -19.11
CA ASN A 136 -7.22 -23.72 -18.63
C ASN A 136 -8.55 -24.09 -19.28
N GLN A 137 -9.46 -23.13 -19.38
CA GLN A 137 -10.74 -23.39 -20.04
C GLN A 137 -10.54 -23.79 -21.49
N ALA A 138 -9.63 -23.14 -22.20
CA ALA A 138 -9.40 -23.44 -23.60
C ALA A 138 -8.86 -24.85 -23.80
N ILE A 139 -7.88 -25.24 -22.98
CA ILE A 139 -7.27 -26.56 -23.18
C ILE A 139 -8.23 -27.67 -22.78
N GLU A 140 -9.10 -27.43 -21.81
CA GLU A 140 -10.08 -28.43 -21.46
C GLU A 140 -11.13 -28.59 -22.57
N GLU A 141 -11.57 -27.49 -23.17
CA GLU A 141 -12.49 -27.57 -24.30
C GLU A 141 -11.82 -28.22 -25.51
N LEU A 142 -10.54 -27.95 -25.72
CA LEU A 142 -9.81 -28.60 -26.81
C LEU A 142 -9.77 -30.10 -26.62
N PHE A 143 -9.49 -30.56 -25.39
CA PHE A 143 -9.50 -31.99 -25.12
C PHE A 143 -10.86 -32.60 -25.41
N ILE A 144 -11.93 -31.99 -24.89
CA ILE A 144 -13.27 -32.51 -25.11
C ILE A 144 -13.57 -32.59 -26.62
N ARG A 145 -13.08 -31.62 -27.38
CA ARG A 145 -13.34 -31.57 -28.81
C ARG A 145 -12.57 -32.62 -29.61
N GLU A 146 -11.44 -33.11 -29.10
CA GLU A 146 -10.54 -33.95 -29.87
C GLU A 146 -10.28 -35.32 -29.24
N TRP A 147 -10.89 -35.63 -28.09
CA TRP A 147 -10.61 -36.92 -27.46
C TRP A 147 -11.02 -38.08 -28.34
N GLU A 148 -12.15 -37.94 -29.02
CA GLU A 148 -12.66 -38.99 -29.90
C GLU A 148 -11.71 -39.20 -31.08
N ASN A 149 -11.16 -38.10 -31.60
CA ASN A 149 -10.24 -38.17 -32.72
C ASN A 149 -8.84 -38.57 -32.28
N ILE A 150 -8.69 -38.95 -31.02
CA ILE A 150 -7.38 -39.37 -30.46
C ILE A 150 -7.42 -40.87 -30.24
N VAL A 151 -8.42 -41.39 -29.55
CA VAL A 151 -8.50 -42.81 -29.25
C VAL A 151 -8.65 -43.63 -30.54
N HIS A 152 -9.47 -43.16 -31.47
CA HIS A 152 -9.70 -43.88 -32.72
C HIS A 152 -8.54 -43.78 -33.70
N GLY A 153 -7.54 -42.96 -33.42
CA GLY A 153 -6.36 -42.87 -34.26
C GLY A 153 -6.46 -41.91 -35.41
N ARG A 154 -7.44 -41.00 -35.40
CA ARG A 154 -7.57 -40.02 -36.48
C ARG A 154 -6.51 -38.93 -36.42
N ILE A 155 -5.83 -38.82 -35.29
CA ILE A 155 -4.79 -37.78 -35.07
C ILE A 155 -3.43 -38.37 -35.36
N ALA A 156 -2.66 -37.78 -36.25
CA ALA A 156 -1.31 -38.24 -36.54
C ALA A 156 -0.32 -37.37 -35.77
N PRO A 157 0.30 -37.87 -34.70
CA PRO A 157 1.25 -37.04 -33.95
C PRO A 157 2.36 -36.53 -34.85
N TYR A 158 2.91 -35.38 -34.49
CA TYR A 158 4.04 -34.80 -35.20
C TYR A 158 5.02 -34.21 -34.19
N ARG A 159 6.27 -34.09 -34.64
CA ARG A 159 7.36 -33.71 -33.74
C ARG A 159 7.34 -32.22 -33.43
N GLN A 160 7.73 -31.87 -32.23
CA GLN A 160 7.86 -30.46 -31.82
C GLN A 160 9.08 -29.89 -32.51
N THR A 161 9.05 -28.64 -32.86
CA THR A 161 10.22 -27.93 -33.35
C THR A 161 11.16 -27.63 -32.19
N ALA A 162 12.45 -27.59 -32.49
CA ALA A 162 13.45 -27.26 -31.49
C ALA A 162 13.46 -25.75 -31.26
N GLY A 163 13.27 -25.35 -30.02
CA GLY A 163 13.31 -23.93 -29.66
C GLY A 163 12.53 -23.70 -28.37
N GLY A 164 11.92 -22.52 -28.31
CA GLY A 164 11.05 -22.21 -27.19
C GLY A 164 11.81 -21.78 -25.95
N THR A 165 11.20 -22.03 -24.80
CA THR A 165 11.74 -21.59 -23.52
C THR A 165 11.42 -22.65 -22.47
N LEU A 166 12.03 -22.49 -21.31
CA LEU A 166 11.89 -23.44 -20.22
C LEU A 166 11.97 -22.67 -18.90
N HIS A 167 11.16 -23.07 -17.92
CA HIS A 167 11.18 -22.41 -16.62
C HIS A 167 10.93 -23.44 -15.53
N PHE A 168 11.47 -23.14 -14.34
CA PHE A 168 11.45 -24.05 -13.21
C PHE A 168 10.62 -23.44 -12.08
N LYS A 169 10.36 -24.29 -11.07
CA LYS A 169 9.42 -23.97 -10.00
C LYS A 169 9.70 -22.60 -9.38
N ALA A 170 10.94 -22.35 -8.98
CA ALA A 170 11.25 -21.15 -8.20
C ALA A 170 11.46 -19.91 -9.06
N ASP A 171 11.50 -20.03 -10.39
CA ASP A 171 11.83 -18.90 -11.24
C ASP A 171 10.87 -17.73 -11.04
N ARG A 172 9.63 -18.00 -10.60
CA ARG A 172 8.59 -17.00 -10.45
C ARG A 172 8.59 -16.29 -9.09
N ASP A 173 9.49 -16.69 -8.18
CA ASP A 173 9.42 -16.16 -6.82
C ASP A 173 9.46 -14.64 -6.78
N PHE A 174 10.34 -14.04 -7.58
CA PHE A 174 10.48 -12.59 -7.59
C PHE A 174 9.19 -11.88 -8.00
N TYR A 175 8.29 -12.59 -8.70
CA TYR A 175 7.12 -11.99 -9.33
C TYR A 175 5.81 -12.37 -8.63
N LYS A 176 5.88 -12.77 -7.36
CA LYS A 176 4.71 -13.36 -6.71
C LYS A 176 3.61 -12.35 -6.42
N ASN A 177 3.90 -11.05 -6.42
CA ASN A 177 2.86 -10.07 -6.14
C ASN A 177 2.11 -9.60 -7.38
N LEU A 178 2.38 -10.19 -8.55
CA LEU A 178 1.91 -9.61 -9.81
C LEU A 178 0.68 -10.31 -10.39
N ASN A 179 0.08 -11.25 -9.67
CA ASN A 179 -0.97 -12.09 -10.25
C ASN A 179 -2.26 -11.33 -10.53
N MET A 180 -2.51 -10.23 -9.82
CA MET A 180 -3.74 -9.45 -10.04
C MET A 180 -3.53 -8.25 -10.95
N THR A 181 -2.34 -8.10 -11.54
CA THR A 181 -2.08 -6.97 -12.44
C THR A 181 -2.47 -7.34 -13.87
N THR A 182 -2.87 -6.32 -14.63
CA THR A 182 -3.28 -6.53 -16.02
C THR A 182 -2.08 -6.80 -16.91
N VAL A 183 -2.37 -7.34 -18.10
CA VAL A 183 -1.32 -7.59 -19.10
C VAL A 183 -0.57 -6.30 -19.43
N ARG A 184 -1.32 -5.22 -19.67
CA ARG A 184 -0.68 -3.95 -19.99
C ARG A 184 0.20 -3.47 -18.84
N GLU A 185 -0.31 -3.56 -17.61
CA GLU A 185 0.45 -3.10 -16.45
C GLU A 185 1.67 -3.97 -16.19
N LEU A 186 1.60 -5.26 -16.53
CA LEU A 186 2.74 -6.14 -16.33
C LEU A 186 3.88 -5.79 -17.28
N LEU A 187 3.57 -5.59 -18.56
CA LEU A 187 4.60 -5.24 -19.53
C LEU A 187 5.18 -3.86 -19.26
N ALA A 188 4.36 -2.93 -18.76
CA ALA A 188 4.89 -1.64 -18.33
C ALA A 188 5.94 -1.83 -17.23
N LEU A 189 5.61 -2.65 -16.22
CA LEU A 189 6.57 -2.94 -15.15
C LEU A 189 7.83 -3.57 -15.70
N LYS A 190 7.70 -4.48 -16.68
CA LYS A 190 8.86 -5.17 -17.22
C LYS A 190 9.86 -4.17 -17.83
N ARG A 191 9.37 -3.17 -18.55
CA ARG A 191 10.27 -2.22 -19.18
C ARG A 191 11.08 -1.44 -18.14
N LEU A 192 10.53 -1.28 -16.93
CA LEU A 192 11.18 -0.51 -15.88
C LEU A 192 12.09 -1.36 -14.98
N SER A 193 12.02 -2.69 -15.07
CA SER A 193 12.73 -3.56 -14.14
C SER A 193 13.77 -4.47 -14.77
N ALA A 194 13.57 -4.91 -16.01
CA ALA A 194 14.42 -5.94 -16.59
C ALA A 194 15.71 -5.35 -17.14
N GLU A 195 16.81 -6.07 -16.95
CA GLU A 195 18.09 -5.67 -17.53
C GLU A 195 17.99 -5.60 -19.05
N PRO A 202 29.08 0.02 -21.79
CA PRO A 202 30.20 -0.21 -20.87
C PRO A 202 31.16 0.97 -20.84
N ILE A 203 31.66 1.31 -19.64
CA ILE A 203 32.59 2.42 -19.45
C ILE A 203 33.99 1.84 -19.23
N ASP A 204 34.97 2.38 -19.95
CA ASP A 204 36.36 1.99 -19.73
C ASP A 204 37.28 3.20 -19.71
N LYS A 205 36.77 4.36 -19.29
CA LYS A 205 37.53 5.59 -19.20
C LYS A 205 37.49 6.14 -17.78
N THR A 206 38.62 6.66 -17.32
CA THR A 206 38.67 7.41 -16.07
C THR A 206 38.32 8.88 -16.34
N PHE A 207 38.08 9.63 -15.26
CA PHE A 207 37.64 11.01 -15.42
C PHE A 207 38.75 11.89 -15.98
N HIS A 208 39.98 11.71 -15.50
CA HIS A 208 41.07 12.56 -15.99
C HIS A 208 41.44 12.25 -17.43
N GLN A 209 41.20 11.01 -17.89
CA GLN A 209 41.35 10.71 -19.30
C GLN A 209 40.37 11.53 -20.14
N LEU A 210 39.16 11.77 -19.61
CA LEU A 210 38.18 12.55 -20.34
C LEU A 210 38.47 14.05 -20.25
N PHE A 211 38.96 14.50 -19.09
CA PHE A 211 39.33 15.91 -18.96
C PHE A 211 40.51 16.24 -19.88
N GLU A 212 41.55 15.42 -19.86
CA GLU A 212 42.68 15.62 -20.76
C GLU A 212 42.23 15.63 -22.22
N GLN A 213 41.18 14.87 -22.55
CA GLN A 213 40.60 14.95 -23.89
C GLN A 213 39.91 16.29 -24.11
N GLN A 214 39.15 16.77 -23.11
CA GLN A 214 38.44 18.03 -23.24
C GLN A 214 39.39 19.21 -23.40
N VAL A 215 40.59 19.11 -22.83
CA VAL A 215 41.56 20.20 -22.94
C VAL A 215 42.00 20.37 -24.39
N GLU A 216 42.35 19.26 -25.05
CA GLU A 216 42.77 19.33 -26.45
C GLU A 216 41.66 19.87 -27.35
N MET A 217 40.42 19.85 -26.90
CA MET A 217 39.33 20.44 -27.68
C MET A 217 39.23 21.95 -27.45
N THR A 218 39.32 22.38 -26.20
CA THR A 218 39.14 23.79 -25.83
C THR A 218 40.27 24.21 -24.90
N PRO A 219 41.51 24.26 -25.42
CA PRO A 219 42.64 24.60 -24.54
C PRO A 219 42.65 26.04 -24.08
N ASP A 220 42.05 26.95 -24.84
CA ASP A 220 42.10 28.37 -24.54
C ASP A 220 40.85 28.88 -23.84
N HIS A 221 39.84 28.03 -23.65
CA HIS A 221 38.64 28.45 -22.95
C HIS A 221 38.92 28.63 -21.46
N VAL A 222 38.10 29.46 -20.82
CA VAL A 222 38.20 29.65 -19.38
C VAL A 222 37.67 28.42 -18.68
N ALA A 223 38.43 27.92 -17.69
CA ALA A 223 37.97 26.83 -16.85
C ALA A 223 37.45 27.33 -15.50
N VAL A 224 38.27 28.04 -14.74
CA VAL A 224 37.92 28.48 -13.40
C VAL A 224 38.04 30.00 -13.32
N VAL A 225 37.14 30.60 -12.55
CA VAL A 225 37.13 32.04 -12.30
C VAL A 225 36.96 32.28 -10.81
N ASP A 226 37.86 33.07 -10.23
CA ASP A 226 37.79 33.42 -8.81
C ASP A 226 38.26 34.86 -8.63
N ARG A 227 37.32 35.78 -8.43
CA ARG A 227 37.62 37.18 -8.13
C ARG A 227 38.68 37.74 -9.07
N GLY A 228 38.40 37.64 -10.37
CA GLY A 228 39.32 38.16 -11.36
C GLY A 228 40.54 37.31 -11.62
N GLN A 229 40.80 36.29 -10.82
CA GLN A 229 41.85 35.31 -11.08
C GLN A 229 41.29 34.25 -12.01
N SER A 230 41.92 34.07 -13.17
CA SER A 230 41.40 33.19 -14.22
C SER A 230 42.40 32.09 -14.55
N LEU A 231 41.88 30.98 -15.05
CA LEU A 231 42.71 29.83 -15.41
C LEU A 231 42.04 29.11 -16.57
N THR A 232 42.75 28.98 -17.68
CA THR A 232 42.21 28.29 -18.84
C THR A 232 42.35 26.78 -18.66
N TYR A 233 41.71 26.03 -19.57
CA TYR A 233 41.79 24.58 -19.52
C TYR A 233 43.22 24.09 -19.63
N LYS A 234 44.04 24.73 -20.47
CA LYS A 234 45.42 24.30 -20.62
C LYS A 234 46.25 24.65 -19.40
N GLN A 235 46.04 25.86 -18.84
CA GLN A 235 46.75 26.23 -17.63
C GLN A 235 46.36 25.32 -16.47
N LEU A 236 45.07 25.01 -16.34
CA LEU A 236 44.62 24.11 -15.29
C LEU A 236 45.31 22.75 -15.40
N ASN A 237 45.33 22.18 -16.60
CA ASN A 237 45.91 20.85 -16.78
C ASN A 237 47.39 20.82 -16.46
N GLU A 238 48.13 21.86 -16.88
CA GLU A 238 49.57 21.89 -16.66
C GLU A 238 49.90 21.95 -15.17
N ARG A 239 49.28 22.89 -14.45
CA ARG A 239 49.52 23.01 -13.01
C ARG A 239 49.17 21.72 -12.28
N ALA A 240 48.02 21.12 -12.61
CA ALA A 240 47.68 19.83 -12.03
C ALA A 240 48.75 18.80 -12.30
N ASN A 241 49.29 18.79 -13.53
CA ASN A 241 50.37 17.86 -13.86
C ASN A 241 51.60 18.10 -12.99
N GLN A 242 51.96 19.37 -12.78
CA GLN A 242 53.11 19.68 -11.95
C GLN A 242 52.97 19.09 -10.56
N LEU A 243 51.82 19.31 -9.92
CA LEU A 243 51.59 18.78 -8.59
C LEU A 243 51.43 17.26 -8.61
N ALA A 244 50.86 16.72 -9.69
CA ALA A 244 50.64 15.27 -9.78
C ALA A 244 51.97 14.51 -9.87
N HIS A 245 52.88 14.99 -10.71
CA HIS A 245 54.21 14.37 -10.80
C HIS A 245 54.85 14.28 -9.43
N HIS A 246 54.82 15.39 -8.67
CA HIS A 246 55.38 15.39 -7.33
C HIS A 246 54.65 14.41 -6.43
N LEU A 247 53.31 14.36 -6.53
CA LEU A 247 52.53 13.49 -5.67
C LEU A 247 52.85 12.02 -5.92
N ARG A 248 52.89 11.61 -7.20
CA ARG A 248 53.23 10.23 -7.50
C ARG A 248 54.66 9.91 -7.06
N GLY A 249 55.56 10.89 -7.18
CA GLY A 249 56.90 10.72 -6.65
C GLY A 249 56.94 10.54 -5.14
N LYS A 250 55.90 10.97 -4.45
CA LYS A 250 55.79 10.78 -3.00
C LYS A 250 55.16 9.45 -2.62
N GLY A 251 54.81 8.62 -3.59
CA GLY A 251 54.27 7.30 -3.31
C GLY A 251 52.79 7.12 -3.56
N VAL A 252 52.14 8.04 -4.25
CA VAL A 252 50.70 7.93 -4.52
C VAL A 252 50.47 6.80 -5.51
N LYS A 253 49.67 5.81 -5.09
CA LYS A 253 49.34 4.65 -5.92
C LYS A 253 47.84 4.57 -6.12
N PRO A 254 47.35 3.65 -6.94
CA PRO A 254 45.90 3.52 -7.11
C PRO A 254 45.21 3.03 -5.84
N ASP A 255 43.98 3.50 -5.65
CA ASP A 255 43.18 3.29 -4.44
C ASP A 255 43.77 3.93 -3.20
N ASP A 256 44.80 4.76 -3.36
CA ASP A 256 45.34 5.50 -2.22
C ASP A 256 44.52 6.77 -2.00
N GLN A 257 44.25 7.06 -0.73
CA GLN A 257 43.50 8.24 -0.36
C GLN A 257 44.43 9.39 -0.05
N VAL A 258 44.07 10.57 -0.54
CA VAL A 258 44.82 11.80 -0.29
C VAL A 258 43.82 12.84 0.23
N ALA A 259 44.04 13.33 1.45
CA ALA A 259 43.14 14.32 2.03
C ALA A 259 43.45 15.70 1.47
N ILE A 260 42.40 16.51 1.30
CA ILE A 260 42.51 17.88 0.83
C ILE A 260 41.72 18.78 1.79
N MET A 261 42.39 19.80 2.33
CA MET A 261 41.78 20.72 3.28
C MET A 261 42.10 22.15 2.81
N LEU A 262 41.20 22.72 2.02
CA LEU A 262 41.39 24.02 1.40
C LEU A 262 40.06 24.73 1.33
N ASP A 263 40.12 26.05 1.20
CA ASP A 263 38.94 26.84 0.88
C ASP A 263 38.73 26.84 -0.63
N LYS A 264 37.49 27.09 -1.05
CA LYS A 264 37.17 27.14 -2.47
C LYS A 264 38.04 28.16 -3.17
N SER A 265 38.78 27.72 -4.18
CA SER A 265 39.81 28.53 -4.81
C SER A 265 40.34 27.79 -6.03
N LEU A 266 41.23 28.46 -6.76
CA LEU A 266 41.94 27.79 -7.86
C LEU A 266 42.79 26.63 -7.33
N ASP A 267 43.41 26.81 -6.16
CA ASP A 267 44.25 25.75 -5.61
C ASP A 267 43.44 24.49 -5.34
N MET A 268 42.18 24.63 -4.91
CA MET A 268 41.33 23.47 -4.66
C MET A 268 41.10 22.68 -5.94
N ILE A 269 40.77 23.37 -7.03
CA ILE A 269 40.54 22.68 -8.31
C ILE A 269 41.83 22.03 -8.79
N VAL A 270 42.96 22.73 -8.68
CA VAL A 270 44.25 22.16 -9.08
C VAL A 270 44.56 20.93 -8.24
N SER A 271 44.25 20.98 -6.94
CA SER A 271 44.59 19.87 -6.07
C SER A 271 43.73 18.64 -6.35
N ILE A 272 42.45 18.85 -6.66
CA ILE A 272 41.56 17.72 -6.93
C ILE A 272 42.03 16.96 -8.17
N LEU A 273 42.36 17.68 -9.25
CA LEU A 273 42.81 17.03 -10.48
C LEU A 273 44.18 16.39 -10.28
N ALA A 274 45.05 17.02 -9.51
CA ALA A 274 46.38 16.47 -9.30
C ALA A 274 46.32 15.11 -8.60
N VAL A 275 45.35 14.91 -7.71
CA VAL A 275 45.24 13.64 -7.01
C VAL A 275 44.74 12.56 -7.95
N MET A 276 43.83 12.91 -8.86
CA MET A 276 43.36 11.96 -9.86
C MET A 276 44.50 11.53 -10.78
N LYS A 277 45.14 12.51 -11.43
CA LYS A 277 46.21 12.21 -12.37
C LYS A 277 47.31 11.40 -11.70
N ALA A 278 47.68 11.76 -10.47
CA ALA A 278 48.71 11.01 -9.77
C ALA A 278 48.31 9.55 -9.61
N GLY A 279 47.02 9.26 -9.53
CA GLY A 279 46.50 7.91 -9.43
C GLY A 279 45.63 7.63 -8.22
N GLY A 280 45.49 8.56 -7.28
CA GLY A 280 44.78 8.31 -6.04
C GLY A 280 43.35 8.84 -6.04
N ALA A 281 42.78 8.85 -4.84
CA ALA A 281 41.43 9.35 -4.61
C ALA A 281 41.47 10.43 -3.53
N TYR A 282 40.72 11.51 -3.74
CA TYR A 282 40.79 12.63 -2.83
C TYR A 282 39.69 12.52 -1.77
N VAL A 283 40.01 12.98 -0.57
CA VAL A 283 39.10 12.99 0.55
C VAL A 283 38.92 14.44 1.01
N PRO A 284 37.86 15.12 0.52
CA PRO A 284 37.73 16.55 0.81
C PRO A 284 37.35 16.78 2.27
N ILE A 285 37.97 17.78 2.88
CA ILE A 285 37.68 18.18 4.27
C ILE A 285 37.47 19.69 4.30
N ASP A 286 36.26 20.11 4.66
CA ASP A 286 35.94 21.54 4.70
C ASP A 286 36.58 22.18 5.92
N PRO A 287 37.49 23.16 5.74
CA PRO A 287 38.15 23.75 6.91
C PRO A 287 37.19 24.42 7.89
N ASP A 288 35.98 24.75 7.45
CA ASP A 288 34.99 25.38 8.32
C ASP A 288 34.23 24.37 9.18
N TYR A 289 34.49 23.08 9.03
CA TYR A 289 33.82 22.09 9.84
C TYR A 289 34.30 22.19 11.29
N PRO A 290 33.52 21.71 12.26
CA PRO A 290 33.96 21.64 13.63
C PRO A 290 35.25 20.81 13.76
N GLY A 291 36.09 21.13 14.72
CA GLY A 291 37.38 20.47 14.94
C GLY A 291 37.27 18.97 15.10
N GLU A 292 36.29 18.48 15.83
CA GLU A 292 36.14 17.04 16.09
C GLU A 292 35.77 16.31 14.81
N ARG A 293 35.00 16.91 13.91
CA ARG A 293 34.64 16.25 12.65
C ARG A 293 35.89 16.12 11.79
N ILE A 294 36.67 17.20 11.68
CA ILE A 294 37.92 17.19 10.93
C ILE A 294 38.82 16.07 11.45
N ALA A 295 39.02 16.04 12.77
CA ALA A 295 39.87 15.00 13.35
C ALA A 295 39.33 13.61 13.04
N TYR A 296 38.00 13.45 13.07
CA TYR A 296 37.41 12.15 12.81
C TYR A 296 37.66 11.72 11.36
N MET A 297 37.41 12.61 10.41
CA MET A 297 37.58 12.27 9.01
C MET A 297 39.03 11.90 8.69
N LEU A 298 39.98 12.59 9.33
CA LEU A 298 41.39 12.27 9.12
C LEU A 298 41.77 10.93 9.73
N ALA A 299 41.16 10.55 10.86
CA ALA A 299 41.46 9.28 11.51
C ALA A 299 40.81 8.11 10.76
N ASP A 300 39.53 8.22 10.43
CA ASP A 300 38.82 7.15 9.74
C ASP A 300 39.43 6.89 8.36
N SER A 301 39.89 7.94 7.69
CA SER A 301 40.53 7.81 6.38
C SER A 301 41.94 7.25 6.51
N SER A 302 42.36 6.49 5.50
CA SER A 302 43.70 5.92 5.46
C SER A 302 44.70 6.85 4.75
N ALA A 303 44.36 8.12 4.58
CA ALA A 303 45.21 9.04 3.84
C ALA A 303 46.45 9.39 4.66
N ALA A 304 47.62 9.15 4.08
CA ALA A 304 48.89 9.50 4.71
C ALA A 304 49.41 10.86 4.26
N ILE A 305 48.86 11.42 3.18
CA ILE A 305 49.24 12.73 2.67
C ILE A 305 48.05 13.67 2.79
N LEU A 306 48.32 14.93 3.12
CA LEU A 306 47.31 15.96 3.25
C LEU A 306 47.75 17.19 2.47
N LEU A 307 46.94 17.63 1.54
CA LEU A 307 47.19 18.86 0.80
C LEU A 307 46.45 20.00 1.50
N THR A 308 47.20 21.02 1.92
CA THR A 308 46.59 22.18 2.56
C THR A 308 47.57 23.35 2.45
N ASN A 309 47.25 24.46 3.14
CA ASN A 309 48.13 25.62 3.18
C ASN A 309 48.32 26.05 4.63
N ALA A 310 48.95 27.21 4.85
CA ALA A 310 49.33 27.61 6.20
C ALA A 310 48.11 27.90 7.07
N LEU A 311 47.06 28.50 6.49
CA LEU A 311 45.93 28.91 7.31
C LEU A 311 45.25 27.72 7.98
N HIS A 312 45.33 26.53 7.37
CA HIS A 312 44.61 25.38 7.88
C HIS A 312 45.51 24.26 8.40
N GLU A 313 46.83 24.39 8.24
CA GLU A 313 47.74 23.36 8.70
C GLU A 313 47.46 22.97 10.14
N GLU A 314 47.20 23.96 10.99
CA GLU A 314 47.04 23.67 12.43
C GLU A 314 45.82 22.81 12.70
N LYS A 315 44.75 22.95 11.90
CA LYS A 315 43.54 22.19 12.15
C LYS A 315 43.77 20.69 12.06
N ALA A 316 44.81 20.26 11.36
CA ALA A 316 45.11 18.83 11.24
C ALA A 316 45.77 18.26 12.48
N ASN A 317 46.39 19.11 13.31
CA ASN A 317 47.09 18.65 14.51
C ASN A 317 48.19 17.66 14.17
N GLY A 318 48.84 17.85 13.02
CA GLY A 318 49.96 17.03 12.62
C GLY A 318 49.65 15.54 12.61
N ALA A 319 48.54 15.16 11.99
CA ALA A 319 48.14 13.76 11.94
C ALA A 319 48.73 13.01 10.76
N SER A 320 49.23 13.71 9.74
CA SER A 320 49.74 13.06 8.55
C SER A 320 50.72 14.00 7.85
N ASP A 321 51.41 13.47 6.83
CA ASP A 321 52.33 14.27 6.05
C ASP A 321 51.58 15.35 5.28
N ILE A 322 52.12 16.57 5.31
CA ILE A 322 51.46 17.73 4.73
C ILE A 322 52.25 18.21 3.52
N ILE A 323 51.53 18.56 2.46
CA ILE A 323 52.12 19.11 1.24
C ILE A 323 51.51 20.49 1.04
N ASP A 324 52.32 21.52 1.20
CA ASP A 324 51.85 22.90 1.08
C ASP A 324 51.63 23.24 -0.38
N VAL A 325 50.39 23.55 -0.75
CA VAL A 325 50.06 23.91 -2.13
C VAL A 325 50.55 25.29 -2.51
N HIS A 326 50.97 26.10 -1.54
CA HIS A 326 51.55 27.40 -1.84
C HIS A 326 53.07 27.35 -1.99
N ASP A 327 53.71 26.29 -1.52
CA ASP A 327 55.16 26.16 -1.62
C ASP A 327 55.54 25.74 -3.04
N PRO A 328 56.37 26.50 -3.74
CA PRO A 328 56.80 26.06 -5.09
C PRO A 328 57.52 24.73 -5.09
N ASP A 329 58.03 24.27 -3.95
CA ASP A 329 58.72 22.98 -3.87
C ASP A 329 57.78 21.79 -3.99
N SER A 330 56.47 22.03 -4.06
CA SER A 330 55.49 20.97 -4.23
C SER A 330 55.09 20.78 -5.70
N TYR A 331 55.63 21.58 -6.60
CA TYR A 331 55.29 21.51 -8.02
C TYR A 331 56.53 21.14 -8.82
N SER A 332 56.41 20.10 -9.64
CA SER A 332 57.51 19.72 -10.53
C SER A 332 57.50 20.58 -11.78
N GLU A 333 58.67 20.68 -12.42
CA GLU A 333 58.80 21.47 -13.64
C GLU A 333 58.11 20.80 -14.82
N ASN A 334 57.87 19.49 -14.75
CA ASN A 334 57.24 18.76 -15.85
C ASN A 334 55.74 19.06 -15.88
N THR A 335 55.26 19.55 -17.02
CA THR A 335 53.84 19.86 -17.22
C THR A 335 53.17 18.91 -18.20
N ASN A 336 53.75 17.74 -18.43
CA ASN A 336 53.21 16.77 -19.37
C ASN A 336 52.25 15.81 -18.66
N ASN A 337 51.21 15.41 -19.37
CA ASN A 337 50.25 14.46 -18.82
C ASN A 337 50.96 13.20 -18.34
N LEU A 338 50.58 12.73 -17.16
CA LEU A 338 51.16 11.52 -16.60
C LEU A 338 50.76 10.31 -17.46
N PRO A 339 51.53 9.22 -17.37
CA PRO A 339 51.10 7.97 -18.02
C PRO A 339 50.00 7.31 -17.21
N HIS A 340 48.94 6.82 -17.84
CA HIS A 340 47.77 6.26 -17.14
C HIS A 340 48.11 5.00 -16.34
N VAL A 341 47.70 4.92 -15.09
CA VAL A 341 47.94 3.76 -14.19
C VAL A 341 46.61 3.33 -13.61
N ASN A 342 45.53 4.01 -13.96
CA ASN A 342 44.22 3.82 -13.31
C ASN A 342 43.26 3.00 -14.13
N ARG A 343 42.59 2.08 -13.48
CA ARG A 343 41.48 1.37 -14.07
C ARG A 343 40.17 2.04 -13.67
N PRO A 344 39.11 1.93 -14.46
CA PRO A 344 37.84 2.61 -14.11
C PRO A 344 37.22 2.12 -12.80
N ASP A 345 37.69 1.01 -12.24
CA ASP A 345 37.17 0.51 -10.98
C ASP A 345 37.92 1.03 -9.77
N ASP A 346 38.85 1.97 -9.97
CA ASP A 346 39.60 2.55 -8.86
C ASP A 346 38.83 3.70 -8.23
N LEU A 347 39.09 3.92 -6.94
CA LEU A 347 38.45 5.01 -6.22
C LEU A 347 38.78 6.34 -6.86
N VAL A 348 37.79 7.24 -6.88
CA VAL A 348 37.99 8.61 -7.29
C VAL A 348 37.83 9.59 -6.12
N TYR A 349 36.88 9.34 -5.21
CA TYR A 349 36.78 10.17 -4.01
C TYR A 349 36.02 9.43 -2.93
N VAL A 350 36.16 9.95 -1.70
CA VAL A 350 35.47 9.43 -0.52
C VAL A 350 34.81 10.61 0.19
N MET A 351 33.49 10.52 0.37
CA MET A 351 32.73 11.55 1.07
C MET A 351 31.93 10.93 2.19
N TYR A 352 31.78 11.68 3.29
CA TYR A 352 31.11 11.20 4.48
C TYR A 352 29.68 11.69 4.54
N THR A 353 28.78 10.81 4.98
CA THR A 353 27.38 11.14 5.13
C THR A 353 27.14 11.83 6.47
N SER A 354 25.90 12.28 6.67
CA SER A 354 25.54 12.95 7.91
C SER A 354 25.55 11.97 9.08
N GLY A 355 25.83 12.51 10.26
CA GLY A 355 25.85 11.72 11.48
C GLY A 355 26.96 12.19 12.40
N SER A 356 26.87 11.81 13.66
CA SER A 356 27.90 12.16 14.63
C SER A 356 29.20 11.43 14.30
N THR A 357 30.29 11.86 14.95
CA THR A 357 31.57 11.21 14.74
C THR A 357 31.51 9.78 15.24
N GLY A 358 32.03 8.85 14.43
CA GLY A 358 31.94 7.44 14.70
C GLY A 358 30.75 6.77 14.04
N LEU A 359 29.68 7.52 13.85
CA LEU A 359 28.46 7.05 13.16
C LEU A 359 28.56 7.41 11.67
N ALA A 360 28.95 8.65 11.35
CA ALA A 360 29.09 9.14 9.98
C ALA A 360 29.89 8.11 9.18
N LYS A 361 29.55 7.82 7.97
CA LYS A 361 30.27 6.83 7.20
C LYS A 361 30.94 7.38 5.98
N GLY A 362 32.14 6.91 5.66
CA GLY A 362 32.83 7.31 4.43
C GLY A 362 32.29 6.51 3.25
N VAL A 363 31.85 7.14 2.19
CA VAL A 363 31.29 6.49 1.02
C VAL A 363 32.35 6.46 -0.07
N MET A 364 32.63 5.28 -0.61
CA MET A 364 33.69 5.08 -1.60
C MET A 364 33.06 5.09 -2.99
N ILE A 365 33.41 6.10 -3.79
CA ILE A 365 32.91 6.26 -5.15
C ILE A 365 34.04 5.95 -6.12
N GLU A 366 33.69 5.33 -7.25
CA GLU A 366 34.68 4.87 -8.22
C GLU A 366 34.61 5.66 -9.52
N HIS A 367 35.71 5.65 -10.26
CA HIS A 367 35.81 6.44 -11.49
C HIS A 367 34.63 6.20 -12.41
N HIS A 368 34.29 4.93 -12.66
CA HIS A 368 33.21 4.65 -13.59
C HIS A 368 31.88 5.20 -13.08
N ASN A 369 31.66 5.25 -11.76
CA ASN A 369 30.47 5.92 -11.24
C ASN A 369 30.40 7.36 -11.73
N LEU A 370 31.50 8.10 -11.59
CA LEU A 370 31.49 9.53 -11.90
C LEU A 370 31.40 9.78 -13.40
N VAL A 371 32.17 9.03 -14.19
CA VAL A 371 32.09 9.17 -15.64
C VAL A 371 30.66 8.96 -16.12
N ASN A 372 30.00 7.93 -15.60
CA ASN A 372 28.63 7.65 -16.02
C ASN A 372 27.74 8.87 -15.81
N PHE A 373 27.84 9.51 -14.64
CA PHE A 373 26.97 10.66 -14.35
C PHE A 373 27.30 11.85 -15.24
N CYS A 374 28.59 12.14 -15.44
CA CYS A 374 28.97 13.31 -16.23
C CYS A 374 28.55 13.16 -17.69
N GLU A 375 28.63 11.94 -18.23
CA GLU A 375 28.24 11.74 -19.62
C GLU A 375 26.75 11.91 -19.81
N TRP A 376 25.94 11.54 -18.81
CA TRP A 376 24.50 11.76 -18.90
C TRP A 376 24.16 13.23 -18.71
N TYR A 377 24.90 13.92 -17.83
CA TYR A 377 24.57 15.30 -17.48
C TYR A 377 24.68 16.23 -18.68
N ARG A 378 25.80 16.15 -19.42
CA ARG A 378 26.06 17.14 -20.46
C ARG A 378 24.97 17.17 -21.53
N PRO A 379 24.62 16.04 -22.18
CA PRO A 379 23.55 16.11 -23.19
C PRO A 379 22.19 16.43 -22.60
N TYR A 380 21.88 15.87 -21.42
CA TYR A 380 20.55 16.04 -20.86
C TYR A 380 20.21 17.51 -20.63
N PHE A 381 21.20 18.30 -20.20
CA PHE A 381 21.00 19.73 -19.99
C PHE A 381 21.58 20.58 -21.11
N GLY A 382 22.15 19.96 -22.15
CA GLY A 382 22.70 20.69 -23.28
C GLY A 382 23.79 21.64 -22.87
N VAL A 383 24.83 21.12 -22.24
CA VAL A 383 25.91 21.95 -21.70
C VAL A 383 26.95 22.16 -22.80
N THR A 384 27.15 23.42 -23.17
CA THR A 384 28.15 23.81 -24.15
C THR A 384 29.25 24.63 -23.48
N PRO A 385 30.43 24.72 -24.12
CA PRO A 385 31.51 25.53 -23.54
C PRO A 385 31.13 26.99 -23.28
N ALA A 386 30.02 27.47 -23.83
CA ALA A 386 29.56 28.83 -23.58
C ALA A 386 28.82 28.98 -22.26
N ASP A 387 28.68 27.90 -21.49
CA ASP A 387 27.93 27.95 -20.24
C ASP A 387 28.83 28.40 -19.09
N LYS A 388 28.20 29.05 -18.10
CA LYS A 388 28.88 29.54 -16.91
C LYS A 388 28.27 28.85 -15.70
N ALA A 389 29.08 28.06 -15.00
CA ALA A 389 28.63 27.27 -13.87
C ALA A 389 29.08 27.87 -12.55
N LEU A 390 28.30 27.65 -11.54
CA LEU A 390 28.60 28.11 -10.22
C LEU A 390 29.04 27.02 -9.28
N VAL A 391 30.11 27.23 -8.56
CA VAL A 391 30.59 26.28 -7.54
C VAL A 391 30.04 26.77 -6.21
N TYR A 392 28.88 26.26 -5.83
CA TYR A 392 28.14 26.73 -4.66
C TYR A 392 28.34 25.84 -3.43
N SER A 393 28.20 24.53 -3.60
CA SER A 393 28.18 23.61 -2.46
C SER A 393 29.57 23.45 -1.86
N SER A 394 29.60 23.14 -0.56
CA SER A 394 30.86 22.76 0.07
C SER A 394 31.46 21.56 -0.65
N PHE A 395 32.79 21.53 -0.75
CA PHE A 395 33.43 20.46 -1.51
C PHE A 395 33.54 19.17 -0.71
N SER A 396 33.10 19.14 0.55
CA SER A 396 32.89 17.90 1.30
C SER A 396 31.54 17.28 1.03
N PHE A 397 30.69 17.94 0.24
CA PHE A 397 29.34 17.51 -0.09
C PHE A 397 29.30 17.16 -1.57
N ASP A 398 28.72 16.01 -1.90
CA ASP A 398 28.79 15.55 -3.29
C ASP A 398 28.04 16.45 -4.26
N GLY A 399 27.31 17.44 -3.76
CA GLY A 399 26.78 18.48 -4.63
C GLY A 399 27.87 19.28 -5.32
N SER A 400 29.07 19.32 -4.74
CA SER A 400 30.18 20.00 -5.39
C SER A 400 30.75 19.19 -6.53
N ALA A 401 30.73 17.86 -6.42
CA ALA A 401 31.12 17.01 -7.53
C ALA A 401 30.26 17.31 -8.76
N LEU A 402 28.96 17.50 -8.57
CA LEU A 402 28.10 17.95 -9.65
C LEU A 402 28.57 19.29 -10.20
N ASP A 403 28.86 20.24 -9.30
CA ASP A 403 29.24 21.59 -9.71
C ASP A 403 30.53 21.58 -10.53
N ILE A 404 31.50 20.76 -10.14
CA ILE A 404 32.84 20.82 -10.72
C ILE A 404 32.98 19.89 -11.92
N PHE A 405 32.68 18.61 -11.74
CA PHE A 405 33.09 17.60 -12.70
C PHE A 405 32.23 17.58 -13.96
N THR A 406 30.93 17.87 -13.84
CA THR A 406 30.08 17.79 -15.02
C THR A 406 30.41 18.91 -16.01
N HIS A 407 30.72 20.10 -15.51
CA HIS A 407 30.93 21.24 -16.39
C HIS A 407 32.34 21.31 -16.96
N LEU A 408 33.32 20.70 -16.29
CA LEU A 408 34.68 20.68 -16.82
C LEU A 408 34.81 19.73 -18.02
N LEU A 409 33.92 18.78 -18.17
CA LEU A 409 33.93 17.90 -19.34
C LEU A 409 33.09 18.45 -20.49
N ALA A 410 32.38 19.55 -20.27
CA ALA A 410 31.63 20.22 -21.33
C ALA A 410 32.29 21.53 -21.76
N GLY A 411 33.49 21.83 -21.29
CA GLY A 411 34.20 23.03 -21.66
C GLY A 411 33.73 24.30 -20.98
N ALA A 412 32.71 24.22 -20.12
CA ALA A 412 32.15 25.41 -19.50
C ALA A 412 33.14 25.98 -18.47
N ALA A 413 32.76 27.10 -17.88
CA ALA A 413 33.60 27.83 -16.93
C ALA A 413 33.02 27.71 -15.52
N LEU A 414 33.88 27.42 -14.57
CA LEU A 414 33.49 27.36 -13.16
C LEU A 414 33.78 28.71 -12.49
N HIS A 415 32.83 29.16 -11.68
CA HIS A 415 32.96 30.42 -10.97
C HIS A 415 32.95 30.14 -9.47
N ILE A 416 34.11 30.34 -8.83
CA ILE A 416 34.33 30.11 -7.36
C ILE A 416 33.52 31.15 -6.56
N VAL A 417 32.32 30.80 -6.09
CA VAL A 417 31.42 31.69 -5.29
C VAL A 417 32.24 32.40 -4.20
N PRO A 418 32.27 33.74 -4.17
CA PRO A 418 33.03 34.48 -3.17
C PRO A 418 32.34 34.38 -1.80
N SER A 419 33.07 33.95 -0.78
CA SER A 419 32.63 33.69 0.62
C SER A 419 31.57 34.68 1.11
N GLU A 420 31.82 35.97 0.95
CA GLU A 420 30.97 37.08 1.45
C GLU A 420 29.61 37.12 0.71
N ARG A 421 29.41 36.30 -0.32
CA ARG A 421 28.19 36.35 -1.14
C ARG A 421 27.51 35.00 -1.31
N LYS A 422 27.82 33.95 -0.56
CA LYS A 422 27.11 32.67 -0.74
C LYS A 422 25.84 32.69 0.11
N TYR A 423 25.94 33.12 1.36
CA TYR A 423 24.80 33.12 2.28
C TYR A 423 23.95 34.38 2.16
N ASP A 424 24.30 35.30 1.26
CA ASP A 424 23.49 36.48 0.98
C ASP A 424 22.89 36.28 -0.41
N LEU A 425 21.70 35.66 -0.47
CA LEU A 425 20.96 35.35 -1.70
C LEU A 425 20.84 36.61 -2.58
N ASP A 426 20.69 37.80 -1.99
CA ASP A 426 20.55 39.03 -2.77
C ASP A 426 21.82 39.32 -3.56
N ALA A 427 22.97 39.33 -2.87
CA ALA A 427 24.23 39.58 -3.57
C ALA A 427 24.57 38.45 -4.54
N LEU A 428 24.20 37.21 -4.20
CA LEU A 428 24.43 36.10 -5.12
C LEU A 428 23.70 36.35 -6.45
N ASN A 429 22.41 36.69 -6.37
CA ASN A 429 21.64 37.02 -7.57
C ASN A 429 22.35 38.09 -8.38
N ASP A 430 22.81 39.16 -7.72
CA ASP A 430 23.51 40.23 -8.43
C ASP A 430 24.76 39.72 -9.11
N TYR A 431 25.54 38.88 -8.41
CA TYR A 431 26.74 38.31 -9.02
C TYR A 431 26.39 37.43 -10.22
N CYS A 432 25.24 36.76 -10.18
CA CYS A 432 24.85 35.88 -11.28
C CYS A 432 24.33 36.69 -12.47
N ASN A 433 23.54 37.73 -12.22
CA ASN A 433 23.09 38.59 -13.30
C ASN A 433 24.26 39.30 -13.96
N GLN A 434 25.18 39.85 -13.16
CA GLN A 434 26.30 40.60 -13.72
C GLN A 434 27.24 39.70 -14.49
N GLU A 435 27.47 38.48 -14.02
CA GLU A 435 28.46 37.61 -14.63
C GLU A 435 27.88 36.69 -15.70
N GLY A 436 26.55 36.54 -15.74
CA GLY A 436 25.92 35.71 -16.75
C GLY A 436 25.98 34.23 -16.43
N ILE A 437 25.61 33.85 -15.21
CA ILE A 437 25.63 32.45 -14.81
C ILE A 437 24.36 31.78 -15.33
N THR A 438 24.53 30.65 -16.02
CA THR A 438 23.44 30.01 -16.74
C THR A 438 22.94 28.71 -16.12
N ILE A 439 23.78 27.96 -15.44
CA ILE A 439 23.40 26.66 -14.85
C ILE A 439 24.08 26.50 -13.50
N SER A 440 23.43 25.88 -12.54
CA SER A 440 23.94 25.66 -11.19
C SER A 440 23.02 24.72 -10.42
N TYR A 441 23.59 24.00 -9.49
CA TYR A 441 22.82 23.18 -8.56
C TYR A 441 22.72 23.89 -7.23
N LEU A 442 21.49 24.07 -6.74
CA LEU A 442 21.22 24.66 -5.45
C LEU A 442 20.41 23.70 -4.59
N PRO A 443 20.84 23.40 -3.37
CA PRO A 443 20.04 22.52 -2.50
C PRO A 443 18.66 23.08 -2.28
N THR A 444 17.73 22.19 -1.94
CA THR A 444 16.31 22.53 -1.90
C THR A 444 16.04 23.75 -1.04
N GLY A 445 16.55 23.73 0.20
CA GLY A 445 16.31 24.84 1.10
C GLY A 445 16.71 26.18 0.52
N ALA A 446 17.95 26.27 0.04
CA ALA A 446 18.45 27.52 -0.52
C ALA A 446 17.75 27.89 -1.82
N ALA A 447 17.40 26.88 -2.63
CA ALA A 447 16.78 27.16 -3.92
C ALA A 447 15.41 27.79 -3.74
N GLU A 448 14.64 27.36 -2.74
CA GLU A 448 13.30 27.89 -2.54
C GLU A 448 13.31 29.35 -2.13
N GLN A 449 14.39 29.82 -1.50
CA GLN A 449 14.53 31.23 -1.17
C GLN A 449 15.15 32.02 -2.32
N PHE A 450 15.98 31.38 -3.14
CA PHE A 450 16.51 32.05 -4.32
C PHE A 450 15.45 32.34 -5.36
N MET A 451 14.31 31.63 -5.32
CA MET A 451 13.26 31.85 -6.30
C MET A 451 12.66 33.25 -6.17
N GLN A 452 12.69 33.84 -4.98
CA GLN A 452 12.14 35.18 -4.79
C GLN A 452 12.91 36.22 -5.60
N MET A 453 14.19 35.99 -5.86
CA MET A 453 15.04 36.98 -6.50
C MET A 453 14.74 37.10 -7.98
N ASP A 454 14.92 38.30 -8.51
CA ASP A 454 14.70 38.59 -9.93
C ASP A 454 15.98 38.26 -10.68
N ASN A 455 15.98 37.15 -11.41
CA ASN A 455 17.15 36.67 -12.12
C ASN A 455 16.86 36.63 -13.62
N GLN A 456 17.87 37.02 -14.42
CA GLN A 456 17.79 36.96 -15.87
C GLN A 456 18.88 36.09 -16.48
N SER A 457 19.81 35.59 -15.68
CA SER A 457 20.98 34.90 -16.22
C SER A 457 20.76 33.39 -16.38
N PHE A 458 20.04 32.76 -15.46
CA PHE A 458 20.00 31.30 -15.42
C PHE A 458 19.15 30.72 -16.54
N ARG A 459 19.69 29.71 -17.21
CA ARG A 459 18.88 28.84 -18.07
C ARG A 459 18.18 27.77 -17.25
N VAL A 460 18.92 27.10 -16.38
CA VAL A 460 18.46 25.91 -15.67
C VAL A 460 18.94 25.97 -14.23
N VAL A 461 18.05 25.72 -13.29
CA VAL A 461 18.41 25.56 -11.88
C VAL A 461 18.01 24.15 -11.47
N ILE A 462 18.97 23.39 -10.94
CA ILE A 462 18.75 22.04 -10.47
C ILE A 462 18.72 22.05 -8.94
N THR A 463 17.67 21.48 -8.36
CA THR A 463 17.56 21.35 -6.91
C THR A 463 17.43 19.87 -6.55
N GLY A 464 17.41 19.61 -5.24
CA GLY A 464 17.36 18.26 -4.75
C GLY A 464 17.92 18.20 -3.34
N GLY A 465 17.90 16.99 -2.79
CA GLY A 465 18.34 16.73 -1.44
C GLY A 465 17.22 16.69 -0.42
N ASP A 466 16.09 17.33 -0.71
CA ASP A 466 14.97 17.38 0.21
C ASP A 466 13.69 17.52 -0.61
N VAL A 467 12.55 17.42 0.07
CA VAL A 467 11.26 17.47 -0.61
C VAL A 467 11.02 18.89 -1.13
N LEU A 468 10.97 19.03 -2.45
CA LEU A 468 10.69 20.32 -3.08
C LEU A 468 9.20 20.63 -3.01
N LYS A 469 8.86 21.84 -2.56
CA LYS A 469 7.47 22.21 -2.36
C LYS A 469 7.05 23.48 -3.07
N LYS A 470 7.98 24.43 -3.27
CA LYS A 470 7.66 25.70 -3.92
C LYS A 470 8.29 25.75 -5.31
N ILE A 471 7.63 26.30 -6.25
CA ILE A 471 8.02 26.41 -7.68
C ILE A 471 7.70 27.81 -8.23
N GLU A 472 6.82 28.59 -7.60
CA GLU A 472 6.60 29.97 -8.04
C GLU A 472 7.89 30.77 -7.88
N ARG A 473 8.43 31.23 -9.00
CA ARG A 473 9.75 31.85 -9.00
C ARG A 473 9.75 33.05 -9.96
N ASN A 474 10.60 34.02 -9.63
CA ASN A 474 10.82 35.18 -10.49
C ASN A 474 12.00 34.90 -11.40
N GLY A 475 11.74 34.66 -12.67
CA GLY A 475 12.77 34.32 -13.62
C GLY A 475 12.20 33.44 -14.72
N THR A 476 13.04 33.21 -15.73
CA THR A 476 12.66 32.42 -16.90
C THR A 476 13.41 31.10 -16.99
N TYR A 477 14.04 30.67 -15.91
CA TYR A 477 14.86 29.46 -15.94
C TYR A 477 14.01 28.23 -15.71
N LYS A 478 14.49 27.09 -16.22
CA LYS A 478 13.84 25.81 -15.99
C LYS A 478 14.23 25.26 -14.62
N LEU A 479 13.25 24.68 -13.94
CA LEU A 479 13.45 24.12 -12.60
C LEU A 479 13.42 22.60 -12.69
N TYR A 480 14.49 21.96 -12.20
CA TYR A 480 14.60 20.52 -12.18
C TYR A 480 14.71 20.02 -10.74
N ASN A 481 14.09 18.87 -10.48
CA ASN A 481 14.11 18.23 -9.16
C ASN A 481 14.83 16.90 -9.29
N GLY A 482 15.97 16.77 -8.62
CA GLY A 482 16.80 15.58 -8.69
C GLY A 482 16.81 14.83 -7.36
N TYR A 483 17.06 13.52 -7.44
CA TYR A 483 17.08 12.67 -6.27
C TYR A 483 18.23 11.67 -6.36
N GLY A 484 18.83 11.39 -5.22
CA GLY A 484 19.83 10.35 -5.11
C GLY A 484 20.59 10.36 -3.80
N PRO A 485 20.94 9.17 -3.30
CA PRO A 485 21.80 9.08 -2.12
C PRO A 485 23.27 9.15 -2.47
N THR A 486 24.05 9.70 -1.53
CA THR A 486 25.49 9.79 -1.71
C THR A 486 26.08 8.45 -2.12
N GLU A 487 25.49 7.33 -1.64
CA GLU A 487 26.00 6.00 -1.92
C GLU A 487 25.95 5.65 -3.41
N CYS A 488 25.11 6.32 -4.19
CA CYS A 488 24.91 6.02 -5.60
C CYS A 488 25.19 7.25 -6.47
N THR A 489 26.27 7.97 -6.14
CA THR A 489 26.86 9.00 -7.00
C THR A 489 25.91 10.13 -7.34
N ILE A 490 25.77 11.09 -6.43
CA ILE A 490 25.13 12.37 -6.68
C ILE A 490 23.63 12.23 -6.89
N MET A 491 23.22 11.79 -8.07
CA MET A 491 21.81 11.66 -8.39
C MET A 491 21.60 10.47 -9.32
N VAL A 492 20.43 9.84 -9.19
CA VAL A 492 20.04 8.72 -10.04
C VAL A 492 18.74 8.96 -10.78
N THR A 493 17.96 9.97 -10.41
CA THR A 493 16.75 10.33 -11.14
C THR A 493 16.69 11.84 -11.32
N MET A 494 15.92 12.28 -12.31
CA MET A 494 15.80 13.70 -12.61
C MET A 494 14.42 13.97 -13.18
N PHE A 495 13.86 15.14 -12.85
CA PHE A 495 12.52 15.52 -13.25
C PHE A 495 12.48 17.01 -13.57
N GLU A 496 11.87 17.35 -14.71
CA GLU A 496 11.64 18.74 -15.08
C GLU A 496 10.30 19.20 -14.51
N VAL A 497 10.34 20.16 -13.60
CA VAL A 497 9.13 20.67 -12.96
C VAL A 497 8.41 21.57 -13.97
N ASP A 498 7.28 21.10 -14.49
CA ASP A 498 6.55 21.78 -15.55
C ASP A 498 5.29 22.48 -15.07
N LYS A 499 4.78 22.14 -13.90
CA LYS A 499 3.54 22.72 -13.41
C LYS A 499 3.37 22.36 -11.94
N PRO A 500 2.38 22.92 -11.25
CA PRO A 500 2.20 22.58 -9.83
C PRO A 500 1.85 21.12 -9.62
N TYR A 501 2.38 20.54 -8.56
CA TYR A 501 2.03 19.20 -8.11
C TYR A 501 1.89 19.23 -6.59
N ALA A 502 0.89 18.51 -6.07
CA ALA A 502 0.81 18.29 -4.63
C ALA A 502 2.05 17.55 -4.14
N ASN A 503 2.51 16.56 -4.91
CA ASN A 503 3.78 15.88 -4.65
C ASN A 503 4.59 15.92 -5.94
N ILE A 504 5.61 16.76 -5.98
CA ILE A 504 6.45 16.91 -7.17
C ILE A 504 7.23 15.61 -7.39
N PRO A 505 7.07 14.95 -8.54
CA PRO A 505 7.84 13.73 -8.78
C PRO A 505 9.34 13.97 -8.77
N ILE A 506 10.09 12.90 -8.48
CA ILE A 506 11.54 12.94 -8.61
C ILE A 506 12.02 12.42 -9.97
N GLY A 507 11.11 11.96 -10.83
CA GLY A 507 11.42 11.74 -12.23
C GLY A 507 11.81 10.32 -12.58
N LYS A 508 12.57 10.21 -13.67
CA LYS A 508 12.99 8.94 -14.24
C LYS A 508 14.48 8.73 -14.08
N PRO A 509 14.94 7.49 -14.04
CA PRO A 509 16.36 7.22 -13.81
C PRO A 509 17.25 7.72 -14.94
N ILE A 510 18.54 7.84 -14.63
CA ILE A 510 19.55 8.30 -15.58
C ILE A 510 20.14 7.09 -16.29
N ASP A 511 21.15 7.33 -17.10
CA ASP A 511 21.82 6.31 -17.93
C ASP A 511 22.31 5.14 -17.10
N ARG A 512 22.21 3.92 -17.64
CA ARG A 512 22.64 2.64 -17.02
C ARG A 512 22.22 2.60 -15.54
N THR A 513 20.95 2.90 -15.24
CA THR A 513 20.39 2.90 -13.89
C THR A 513 18.94 2.43 -13.97
N ARG A 514 18.56 1.50 -13.11
CA ARG A 514 17.18 1.04 -12.96
C ARG A 514 16.72 1.25 -11.52
N ILE A 515 15.44 1.57 -11.35
CA ILE A 515 14.83 1.75 -10.04
C ILE A 515 13.80 0.64 -9.84
N LEU A 516 13.93 -0.09 -8.75
CA LEU A 516 13.00 -1.17 -8.42
C LEU A 516 12.27 -0.83 -7.11
N ILE A 517 10.95 -1.02 -7.11
CA ILE A 517 10.15 -0.87 -5.91
C ILE A 517 9.86 -2.28 -5.37
N LEU A 518 10.42 -2.61 -4.21
CA LEU A 518 10.32 -3.94 -3.63
C LEU A 518 9.57 -3.90 -2.30
N ASP A 519 8.96 -5.03 -1.94
CA ASP A 519 8.28 -5.16 -0.66
C ASP A 519 9.27 -5.71 0.37
N GLU A 520 8.77 -6.01 1.58
CA GLU A 520 9.67 -6.38 2.67
C GLU A 520 10.38 -7.69 2.39
N ALA A 521 9.79 -8.57 1.58
CA ALA A 521 10.43 -9.81 1.17
C ALA A 521 11.30 -9.64 -0.07
N LEU A 522 11.52 -8.40 -0.52
CA LEU A 522 12.32 -8.09 -1.69
C LEU A 522 11.65 -8.53 -2.99
N ALA A 523 10.33 -8.67 -2.99
CA ALA A 523 9.59 -9.03 -4.17
C ALA A 523 9.09 -7.78 -4.90
N LEU A 524 9.15 -7.81 -6.23
CA LEU A 524 8.74 -6.68 -7.04
C LEU A 524 7.32 -6.26 -6.70
N GLN A 525 7.09 -4.95 -6.65
CA GLN A 525 5.77 -4.36 -6.47
C GLN A 525 5.19 -3.93 -7.81
N PRO A 526 3.88 -4.06 -8.02
CA PRO A 526 3.28 -3.53 -9.26
C PRO A 526 3.42 -2.02 -9.33
N ILE A 527 3.31 -1.50 -10.55
CA ILE A 527 3.30 -0.06 -10.72
C ILE A 527 2.14 0.55 -9.94
N GLY A 528 2.41 1.65 -9.25
CA GLY A 528 1.42 2.32 -8.44
C GLY A 528 1.36 1.87 -6.99
N VAL A 529 2.02 0.77 -6.64
CA VAL A 529 2.03 0.24 -5.29
C VAL A 529 3.33 0.66 -4.62
N ALA A 530 3.23 1.21 -3.41
CA ALA A 530 4.37 1.77 -2.71
C ALA A 530 5.24 0.68 -2.09
N GLY A 531 6.52 0.97 -2.01
CA GLY A 531 7.47 0.06 -1.40
C GLY A 531 8.78 0.77 -1.19
N GLU A 532 9.81 -0.01 -0.86
CA GLU A 532 11.14 0.54 -0.68
C GLU A 532 11.86 0.66 -2.03
N LEU A 533 12.59 1.76 -2.19
CA LEU A 533 13.26 2.08 -3.44
C LEU A 533 14.66 1.48 -3.42
N PHE A 534 14.91 0.54 -4.34
CA PHE A 534 16.22 -0.08 -4.55
C PHE A 534 16.80 0.44 -5.87
N ILE A 535 18.13 0.54 -5.91
CA ILE A 535 18.83 1.12 -7.05
C ILE A 535 19.78 0.09 -7.65
N VAL A 536 19.76 -0.04 -8.97
CA VAL A 536 20.64 -0.93 -9.72
C VAL A 536 21.35 -0.12 -10.78
N GLY A 537 22.62 -0.42 -11.02
CA GLY A 537 23.29 0.15 -12.18
C GLY A 537 24.68 0.64 -11.85
N GLU A 538 25.17 1.52 -12.72
CA GLU A 538 26.56 1.96 -12.71
C GLU A 538 26.84 3.03 -11.67
N GLY A 539 25.80 3.56 -11.01
CA GLY A 539 26.01 4.55 -9.99
C GLY A 539 26.39 4.00 -8.64
N LEU A 540 26.18 2.71 -8.40
CA LEU A 540 26.47 2.14 -7.09
C LEU A 540 27.96 2.20 -6.79
N GLY A 541 28.30 2.84 -5.67
CA GLY A 541 29.67 2.93 -5.24
C GLY A 541 30.17 1.61 -4.69
N ARG A 542 31.43 1.64 -4.26
CA ARG A 542 32.06 0.42 -3.76
C ARG A 542 31.53 0.01 -2.39
N GLY A 543 31.15 0.99 -1.56
CA GLY A 543 30.62 0.70 -0.24
C GLY A 543 31.13 1.71 0.78
N TYR A 544 31.10 1.29 2.05
CA TYR A 544 31.48 2.13 3.17
C TYR A 544 32.90 1.81 3.63
N LEU A 545 33.69 2.86 3.83
CA LEU A 545 35.10 2.69 4.18
C LEU A 545 35.23 2.05 5.56
N ASN A 546 36.07 1.01 5.63
CA ASN A 546 36.36 0.29 6.86
C ASN A 546 35.12 -0.34 7.51
N ARG A 547 34.06 -0.60 6.73
CA ARG A 547 32.78 -1.07 7.30
C ARG A 547 32.18 -2.16 6.41
N PRO A 548 32.77 -3.35 6.42
CA PRO A 548 32.25 -4.41 5.53
C PRO A 548 30.90 -4.96 5.96
N GLU A 549 30.62 -5.03 7.26
CA GLU A 549 29.35 -5.58 7.72
C GLU A 549 28.17 -4.68 7.34
N LEU A 550 28.34 -3.36 7.46
CA LEU A 550 27.30 -2.44 7.04
C LEU A 550 27.15 -2.40 5.52
N THR A 551 28.27 -2.54 4.80
CA THR A 551 28.20 -2.59 3.35
C THR A 551 27.35 -3.76 2.88
N ALA A 552 27.57 -4.94 3.47
CA ALA A 552 26.84 -6.13 3.04
C ALA A 552 25.35 -6.02 3.32
N GLU A 553 24.96 -5.23 4.33
CA GLU A 553 23.56 -5.05 4.64
C GLU A 553 22.87 -4.09 3.67
N LYS A 554 23.58 -3.07 3.17
CA LYS A 554 22.98 -2.06 2.31
C LYS A 554 23.23 -2.32 0.84
N PHE A 555 24.38 -2.87 0.49
CA PHE A 555 24.69 -3.29 -0.89
C PHE A 555 24.51 -4.81 -0.94
N ILE A 556 23.33 -5.25 -1.35
CA ILE A 556 22.98 -6.65 -1.27
C ILE A 556 23.09 -7.29 -2.65
N VAL A 557 23.21 -8.61 -2.66
CA VAL A 557 23.00 -9.42 -3.86
C VAL A 557 21.61 -10.02 -3.73
N HIS A 558 20.72 -9.66 -4.64
CA HIS A 558 19.33 -10.07 -4.50
C HIS A 558 19.24 -11.60 -4.54
N PRO A 559 18.53 -12.22 -3.59
CA PRO A 559 18.56 -13.70 -3.51
C PRO A 559 17.92 -14.42 -4.69
N GLN A 560 17.10 -13.74 -5.49
CA GLN A 560 16.49 -14.36 -6.66
C GLN A 560 17.14 -13.94 -7.97
N THR A 561 17.32 -12.63 -8.16
CA THR A 561 17.88 -12.15 -9.43
C THR A 561 19.40 -12.22 -9.46
N GLY A 562 20.06 -12.40 -8.32
CA GLY A 562 21.51 -12.35 -8.23
C GLY A 562 22.13 -11.00 -8.53
N GLU A 563 21.32 -9.96 -8.63
CA GLU A 563 21.79 -8.65 -9.03
C GLU A 563 22.19 -7.83 -7.81
N ARG A 564 23.24 -7.02 -7.96
CA ARG A 564 23.68 -6.13 -6.89
C ARG A 564 22.82 -4.87 -6.87
N MET A 565 22.32 -4.53 -5.69
CA MET A 565 21.45 -3.36 -5.58
C MET A 565 21.58 -2.71 -4.21
N TYR A 566 21.29 -1.42 -4.15
CA TYR A 566 21.46 -0.62 -2.94
C TYR A 566 20.09 -0.35 -2.31
N ARG A 567 19.93 -0.74 -1.07
CA ARG A 567 18.70 -0.51 -0.28
C ARG A 567 18.75 0.93 0.26
N THR A 568 17.90 1.83 -0.20
CA THR A 568 17.99 3.25 0.13
C THR A 568 17.34 3.59 1.47
N GLY A 569 16.36 2.79 1.90
CA GLY A 569 15.55 3.15 3.04
C GLY A 569 14.46 4.16 2.76
N ASP A 570 14.34 4.63 1.52
CA ASP A 570 13.28 5.54 1.13
C ASP A 570 12.07 4.76 0.61
N ARG A 571 10.89 5.32 0.84
CA ARG A 571 9.64 4.80 0.31
C ARG A 571 9.25 5.61 -0.92
N ALA A 572 8.77 4.92 -1.96
CA ALA A 572 8.39 5.55 -3.22
C ALA A 572 7.47 4.62 -3.99
N ARG A 573 7.01 5.06 -5.14
CA ARG A 573 6.20 4.26 -6.07
C ARG A 573 6.24 4.89 -7.45
N PHE A 574 6.17 4.05 -8.46
CA PHE A 574 6.11 4.50 -9.85
C PHE A 574 4.73 5.06 -10.18
N LEU A 575 4.70 6.10 -10.99
CA LEU A 575 3.46 6.65 -11.53
C LEU A 575 3.17 6.02 -12.88
N PRO A 576 1.94 6.18 -13.39
CA PRO A 576 1.58 5.53 -14.67
C PRO A 576 2.44 5.96 -15.85
N ASP A 577 3.11 7.10 -15.79
CA ASP A 577 3.87 7.62 -16.91
C ASP A 577 5.35 7.27 -16.84
N GLY A 578 5.77 6.51 -15.84
CA GLY A 578 7.17 6.16 -15.67
C GLY A 578 7.91 7.04 -14.69
N ASN A 579 7.37 8.19 -14.33
CA ASN A 579 7.97 9.04 -13.32
C ASN A 579 7.78 8.42 -11.94
N ILE A 580 8.66 8.79 -11.01
CA ILE A 580 8.70 8.22 -9.67
C ILE A 580 8.26 9.28 -8.67
N GLU A 581 7.62 8.82 -7.60
CA GLU A 581 7.09 9.68 -6.55
C GLU A 581 7.73 9.29 -5.23
N PHE A 582 8.39 10.25 -4.59
CA PHE A 582 9.00 10.04 -3.28
C PHE A 582 7.91 10.16 -2.21
N LEU A 583 7.94 9.23 -1.26
CA LEU A 583 6.89 9.14 -0.24
C LEU A 583 7.42 9.25 1.18
N GLY A 584 8.71 9.52 1.36
CA GLY A 584 9.28 9.73 2.67
C GLY A 584 10.18 8.58 3.10
N ARG A 585 10.84 8.79 4.24
CA ARG A 585 11.66 7.76 4.85
C ARG A 585 10.79 6.68 5.48
N LEU A 586 11.27 5.44 5.46
CA LEU A 586 10.57 4.35 6.11
C LEU A 586 10.59 4.49 7.64
N ASP A 587 11.55 5.24 8.18
CA ASP A 587 11.66 5.42 9.62
C ASP A 587 10.77 6.55 10.14
N ASN A 588 10.52 7.58 9.33
CA ASN A 588 9.73 8.73 9.76
C ASN A 588 8.25 8.42 9.95
N LEU A 589 7.83 7.17 9.80
CA LEU A 589 6.44 6.82 10.05
C LEU A 589 6.16 6.79 11.55
N VAL A 590 5.25 7.64 12.00
CA VAL A 590 4.92 7.77 13.41
C VAL A 590 3.43 7.49 13.60
N LYS A 591 3.09 6.93 14.75
CA LYS A 591 1.69 6.56 15.06
C LYS A 591 1.11 7.60 16.01
N ILE A 592 -0.12 7.99 15.76
CA ILE A 592 -0.84 8.98 16.56
C ILE A 592 -2.28 8.50 16.70
N ARG A 593 -2.69 8.19 17.93
CA ARG A 593 -4.04 7.72 18.21
C ARG A 593 -4.38 6.47 17.41
N GLY A 594 -3.36 5.69 17.08
CA GLY A 594 -3.57 4.45 16.35
C GLY A 594 -3.67 4.62 14.85
N TYR A 595 -2.83 5.46 14.26
CA TYR A 595 -2.84 5.68 12.82
C TYR A 595 -1.42 5.90 12.34
N ARG A 596 -0.97 5.06 11.42
CA ARG A 596 0.39 5.19 10.85
C ARG A 596 0.35 6.42 9.95
N ILE A 597 1.09 7.47 10.30
CA ILE A 597 1.11 8.76 9.57
C ILE A 597 2.49 9.06 9.01
N GLU A 598 2.53 9.66 7.83
CA GLU A 598 3.73 10.29 7.31
C GLU A 598 3.56 11.80 7.46
N PRO A 599 4.23 12.44 8.41
CA PRO A 599 3.99 13.89 8.64
C PRO A 599 4.18 14.74 7.40
N GLY A 600 4.94 14.26 6.43
CA GLY A 600 5.13 14.99 5.19
C GLY A 600 3.86 15.14 4.38
N GLU A 601 2.87 14.28 4.60
CA GLU A 601 1.61 14.34 3.88
C GLU A 601 0.74 15.52 4.30
N ILE A 602 1.05 16.17 5.42
CA ILE A 602 0.26 17.30 5.88
C ILE A 602 0.74 18.61 5.25
N GLU A 603 2.01 18.69 4.89
CA GLU A 603 2.59 19.94 4.42
C GLU A 603 1.90 20.50 3.18
N PRO A 604 1.73 19.75 2.08
CA PRO A 604 1.14 20.36 0.88
C PRO A 604 -0.24 20.97 1.10
N PHE A 605 -0.96 20.59 2.15
CA PHE A 605 -2.23 21.22 2.45
C PHE A 605 -2.06 22.57 3.13
N LEU A 606 -0.96 22.76 3.86
CA LEU A 606 -0.63 24.09 4.36
C LEU A 606 -0.06 24.99 3.28
N MET A 607 0.62 24.41 2.29
CA MET A 607 1.14 25.20 1.17
C MET A 607 0.01 25.85 0.39
N ASN A 608 -1.10 25.12 0.19
CA ASN A 608 -2.21 25.64 -0.60
C ASN A 608 -2.83 26.90 0.02
N HIS A 609 -2.61 27.14 1.31
CA HIS A 609 -3.14 28.35 1.92
C HIS A 609 -2.60 29.57 1.16
N PRO A 610 -3.45 30.56 0.87
CA PRO A 610 -2.97 31.71 0.09
C PRO A 610 -1.83 32.46 0.75
N LEU A 611 -1.86 32.57 2.08
CA LEU A 611 -0.90 33.39 2.82
C LEU A 611 0.28 32.60 3.36
N ILE A 612 0.47 31.36 2.92
CA ILE A 612 1.59 30.53 3.36
C ILE A 612 2.43 30.18 2.13
N GLU A 613 3.73 30.43 2.22
CA GLU A 613 4.65 30.15 1.13
C GLU A 613 5.56 28.95 1.39
N LEU A 614 5.93 28.70 2.65
CA LEU A 614 6.76 27.57 3.02
C LEU A 614 6.22 26.94 4.29
N THR A 615 6.46 25.65 4.46
CA THR A 615 5.96 24.94 5.63
C THR A 615 6.74 23.65 5.83
N THR A 616 6.83 23.24 7.09
CA THR A 616 7.46 21.98 7.47
C THR A 616 6.78 21.45 8.72
N VAL A 617 6.29 20.22 8.66
CA VAL A 617 5.61 19.57 9.78
C VAL A 617 6.55 18.54 10.36
N LEU A 618 6.69 18.55 11.69
CA LEU A 618 7.58 17.66 12.40
C LEU A 618 6.80 16.80 13.39
N ALA A 619 7.44 15.74 13.86
CA ALA A 619 6.92 14.90 14.94
C ALA A 619 7.84 15.05 16.14
N LYS A 620 7.24 15.13 17.33
CA LYS A 620 7.98 15.30 18.56
C LYS A 620 7.41 14.36 19.61
N GLU A 621 8.12 14.24 20.73
CA GLU A 621 7.71 13.32 21.81
C GLU A 621 7.87 14.01 23.15
N GLN A 622 6.79 14.04 23.93
CA GLN A 622 6.78 14.62 25.29
C GLN A 622 7.45 13.65 26.26
N ALA A 623 7.91 14.17 27.40
CA ALA A 623 8.63 13.41 28.45
C ALA A 623 7.88 12.10 28.73
N ASP A 624 6.54 12.13 28.65
CA ASP A 624 5.66 10.97 28.90
C ASP A 624 5.91 9.92 27.81
N GLY A 625 6.27 10.38 26.61
CA GLY A 625 6.44 9.55 25.43
C GLY A 625 5.32 9.69 24.40
N ARG A 626 4.30 10.49 24.68
CA ARG A 626 3.19 10.62 23.75
C ARG A 626 3.61 11.36 22.49
N LYS A 627 3.13 10.87 21.34
CA LYS A 627 3.43 11.50 20.06
C LYS A 627 2.48 12.67 19.81
N TYR A 628 3.01 13.71 19.17
CA TYR A 628 2.21 14.86 18.82
C TYR A 628 2.91 15.65 17.71
N LEU A 629 2.12 16.24 16.82
CA LEU A 629 2.63 16.93 15.65
C LEU A 629 2.67 18.43 15.87
N VAL A 630 3.68 19.07 15.29
CA VAL A 630 3.83 20.52 15.31
C VAL A 630 4.04 20.99 13.88
N GLY A 631 3.39 22.10 13.53
CA GLY A 631 3.49 22.64 12.19
C GLY A 631 4.14 24.00 12.14
N TYR A 632 5.19 24.13 11.35
CA TYR A 632 5.89 25.39 11.14
C TYR A 632 5.55 25.93 9.76
N TYR A 633 5.22 27.21 9.67
CA TYR A 633 4.88 27.81 8.39
C TYR A 633 5.47 29.22 8.31
N VAL A 634 5.77 29.63 7.08
CA VAL A 634 6.30 30.97 6.81
C VAL A 634 5.20 31.78 6.13
N ALA A 635 4.97 32.98 6.64
CA ALA A 635 3.92 33.85 6.14
C ALA A 635 4.22 35.27 6.58
N PRO A 636 3.67 36.28 5.90
CA PRO A 636 3.91 37.66 6.34
C PRO A 636 3.40 37.93 7.76
N GLU A 637 2.16 37.57 8.05
CA GLU A 637 1.57 37.79 9.36
C GLU A 637 1.08 36.47 9.95
N GLU A 638 1.09 36.38 11.27
CA GLU A 638 0.65 35.17 11.96
C GLU A 638 -0.83 34.91 11.64
N ILE A 639 -1.13 33.65 11.35
CA ILE A 639 -2.51 33.23 11.04
C ILE A 639 -3.13 32.66 12.30
N PRO A 640 -4.41 32.93 12.58
CA PRO A 640 -5.01 32.44 13.83
C PRO A 640 -5.00 30.92 13.89
N HIS A 641 -4.76 30.40 15.09
CA HIS A 641 -4.75 28.95 15.30
C HIS A 641 -6.05 28.32 14.80
N GLY A 642 -7.18 28.99 15.03
CA GLY A 642 -8.45 28.43 14.61
C GLY A 642 -8.62 28.42 13.10
N GLU A 643 -8.16 29.46 12.43
CA GLU A 643 -8.29 29.50 10.97
C GLU A 643 -7.47 28.40 10.30
N LEU A 644 -6.39 27.94 10.95
CA LEU A 644 -5.57 26.88 10.38
C LEU A 644 -6.24 25.51 10.54
N ARG A 645 -6.76 25.23 11.73
CA ARG A 645 -7.47 23.97 11.94
C ARG A 645 -8.65 23.85 11.00
N GLU A 646 -9.41 24.94 10.81
CA GLU A 646 -10.53 24.92 9.87
C GLU A 646 -10.04 24.70 8.45
N TRP A 647 -8.92 25.33 8.08
CA TRP A 647 -8.37 25.16 6.74
C TRP A 647 -7.96 23.71 6.49
N LEU A 648 -7.26 23.11 7.45
CA LEU A 648 -6.86 21.72 7.33
C LEU A 648 -8.06 20.78 7.49
N GLY A 649 -9.05 21.18 8.30
CA GLY A 649 -10.23 20.37 8.51
C GLY A 649 -11.05 20.10 7.27
N ASN A 650 -10.70 20.74 6.15
CA ASN A 650 -11.41 20.50 4.90
C ASN A 650 -10.96 19.21 4.22
N ASP A 651 -9.77 18.69 4.54
CA ASP A 651 -9.22 17.53 3.84
C ASP A 651 -8.64 16.45 4.74
N LEU A 652 -8.38 16.74 6.03
CA LEU A 652 -7.71 15.79 6.90
C LEU A 652 -8.54 15.51 8.14
N PRO A 653 -8.50 14.29 8.68
CA PRO A 653 -9.15 14.03 9.96
C PRO A 653 -8.33 14.64 11.10
N ASP A 654 -8.97 14.72 12.27
CA ASP A 654 -8.35 15.45 13.38
C ASP A 654 -6.98 14.88 13.72
N TYR A 655 -6.82 13.56 13.66
CA TYR A 655 -5.55 12.97 14.10
C TYR A 655 -4.38 13.38 13.21
N MET A 656 -4.63 14.00 12.06
CA MET A 656 -3.56 14.49 11.19
C MET A 656 -3.45 16.01 11.22
N ILE A 657 -4.19 16.69 12.09
CA ILE A 657 -4.10 18.14 12.23
C ILE A 657 -3.10 18.44 13.33
N PRO A 658 -2.06 19.23 13.08
CA PRO A 658 -1.05 19.46 14.12
C PRO A 658 -1.67 20.07 15.37
N THR A 659 -1.15 19.67 16.52
CA THR A 659 -1.62 20.22 17.79
C THR A 659 -1.14 21.66 18.01
N TYR A 660 -0.07 22.07 17.33
CA TYR A 660 0.49 23.41 17.49
C TYR A 660 0.89 23.97 16.14
N PHE A 661 1.02 25.29 16.07
CA PHE A 661 1.41 25.97 14.85
C PHE A 661 2.36 27.10 15.22
N VAL A 662 3.45 27.22 14.45
CA VAL A 662 4.52 28.18 14.75
C VAL A 662 4.73 29.04 13.51
N HIS A 663 4.59 30.35 13.65
CA HIS A 663 4.86 31.29 12.58
C HIS A 663 6.30 31.77 12.67
N MET A 664 6.96 31.86 11.51
CA MET A 664 8.34 32.31 11.44
C MET A 664 8.52 33.11 10.16
N LYS A 665 9.53 34.00 10.18
CA LYS A 665 9.83 34.82 9.02
C LYS A 665 10.58 34.04 7.95
N ALA A 666 11.33 33.01 8.34
CA ALA A 666 12.09 32.19 7.41
C ALA A 666 12.58 30.95 8.14
N PHE A 667 12.96 29.94 7.36
CA PHE A 667 13.47 28.70 7.92
C PHE A 667 14.99 28.75 7.98
N PRO A 668 15.60 28.29 9.07
CA PRO A 668 17.07 28.19 9.11
C PRO A 668 17.57 27.03 8.25
N LEU A 669 18.73 27.23 7.66
CA LEU A 669 19.33 26.25 6.77
C LEU A 669 20.60 25.66 7.38
N THR A 670 20.92 24.43 6.99
CA THR A 670 22.16 23.80 7.38
C THR A 670 23.28 24.28 6.46
N ALA A 671 24.48 23.70 6.65
CA ALA A 671 25.59 24.00 5.76
C ALA A 671 25.31 23.52 4.35
N ASN A 672 24.76 22.31 4.20
CA ASN A 672 24.42 21.76 2.90
C ASN A 672 23.16 22.35 2.30
N GLY A 673 22.60 23.39 2.92
CA GLY A 673 21.47 24.10 2.35
C GLY A 673 20.11 23.44 2.55
N LYS A 674 20.00 22.44 3.42
CA LYS A 674 18.72 21.83 3.71
C LYS A 674 18.08 22.50 4.92
N VAL A 675 16.75 22.40 5.00
CA VAL A 675 16.05 22.96 6.14
C VAL A 675 16.58 22.33 7.42
N ASP A 676 17.00 23.16 8.37
CA ASP A 676 17.55 22.70 9.64
C ASP A 676 16.39 22.34 10.56
N ARG A 677 15.95 21.08 10.48
CA ARG A 677 14.79 20.66 11.24
C ARG A 677 15.06 20.66 12.74
N ARG A 678 16.31 20.51 13.14
CA ARG A 678 16.65 20.50 14.56
C ARG A 678 16.78 21.90 15.16
N ALA A 679 16.85 22.94 14.33
CA ALA A 679 17.03 24.31 14.79
C ALA A 679 15.72 25.08 14.89
N LEU A 680 14.58 24.45 14.65
CA LEU A 680 13.30 25.13 14.73
C LEU A 680 12.83 25.19 16.18
N PRO A 681 12.10 26.24 16.56
CA PRO A 681 11.74 26.41 17.98
C PRO A 681 10.95 25.24 18.51
N ASP A 682 11.09 24.99 19.81
CA ASP A 682 10.34 23.94 20.50
C ASP A 682 9.05 24.50 21.11
N LEU A 690 -2.87 18.55 25.14
CA LEU A 690 -3.50 19.84 25.55
C LEU A 690 -3.09 20.95 24.56
N GLY A 691 -3.94 21.24 23.58
CA GLY A 691 -3.71 22.26 22.57
C GLY A 691 -4.32 23.59 22.95
N GLU A 692 -4.25 24.53 21.99
CA GLU A 692 -4.75 25.87 22.21
C GLU A 692 -6.28 25.95 22.24
N ASP A 693 -6.96 24.96 21.67
CA ASP A 693 -8.41 24.94 21.65
C ASP A 693 -9.01 24.21 22.84
N TYR A 694 -8.20 23.90 23.86
CA TYR A 694 -8.70 23.22 25.04
C TYR A 694 -9.41 24.21 25.96
N VAL A 695 -10.56 23.80 26.47
CA VAL A 695 -11.35 24.61 27.41
C VAL A 695 -11.69 23.67 28.56
N ALA A 696 -10.85 23.69 29.61
CA ALA A 696 -11.00 22.78 30.72
C ALA A 696 -12.41 22.91 31.30
N PRO A 697 -13.01 21.81 31.77
CA PRO A 697 -14.37 21.89 32.32
C PRO A 697 -14.39 22.65 33.63
N THR A 698 -15.41 23.52 33.77
CA THR A 698 -15.55 24.39 34.92
C THR A 698 -16.82 24.10 35.71
N ASP A 699 -17.41 22.92 35.53
CA ASP A 699 -18.72 22.61 36.11
C ASP A 699 -18.72 21.18 36.62
N GLU A 700 -19.58 20.92 37.61
CA GLU A 700 -19.73 19.55 38.09
C GLU A 700 -20.26 18.64 36.98
N LEU A 701 -21.21 19.15 36.19
CA LEU A 701 -21.68 18.39 35.04
C LEU A 701 -20.63 18.37 33.93
N GLU A 702 -20.07 19.54 33.60
CA GLU A 702 -19.02 19.61 32.58
C GLU A 702 -17.92 18.59 32.86
N GLN A 703 -17.40 18.59 34.09
CA GLN A 703 -16.32 17.65 34.43
C GLN A 703 -16.82 16.21 34.43
N GLN A 704 -18.10 15.99 34.75
CA GLN A 704 -18.64 14.64 34.73
C GLN A 704 -18.73 14.07 33.32
N LEU A 705 -18.97 14.93 32.32
CA LEU A 705 -19.06 14.48 30.95
C LEU A 705 -17.70 14.38 30.28
N ALA A 706 -16.78 15.29 30.63
CA ALA A 706 -15.42 15.21 30.09
C ALA A 706 -14.73 13.91 30.48
N GLN A 707 -15.19 13.25 31.54
CA GLN A 707 -14.62 11.97 31.93
C GLN A 707 -15.27 10.82 31.16
N VAL A 708 -16.58 10.90 30.93
CA VAL A 708 -17.25 9.85 30.16
C VAL A 708 -16.80 9.87 28.71
N TRP A 709 -16.70 11.07 28.12
CA TRP A 709 -16.20 11.17 26.75
C TRP A 709 -14.79 10.62 26.64
N SER A 710 -13.94 10.90 27.63
CA SER A 710 -12.57 10.39 27.59
C SER A 710 -12.54 8.87 27.56
N HIS A 711 -13.49 8.22 28.24
CA HIS A 711 -13.49 6.76 28.30
C HIS A 711 -14.11 6.15 27.05
N VAL A 712 -15.08 6.83 26.43
CA VAL A 712 -15.71 6.30 25.22
C VAL A 712 -14.80 6.50 24.02
N LEU A 713 -14.13 7.63 23.95
CA LEU A 713 -13.28 8.01 22.82
C LEU A 713 -11.85 7.57 23.07
N GLY A 714 -11.55 7.08 24.25
CA GLY A 714 -10.23 6.67 24.55
C GLY A 714 -9.21 7.75 24.40
N ILE A 715 -9.52 8.92 24.88
CA ILE A 715 -8.62 10.05 24.86
C ILE A 715 -8.56 10.67 26.24
N PRO A 716 -7.40 11.06 26.69
CA PRO A 716 -7.30 11.69 28.01
C PRO A 716 -7.47 13.20 27.93
N GLN A 717 -8.00 13.77 29.01
CA GLN A 717 -8.12 15.22 29.16
C GLN A 717 -8.87 15.82 27.98
N MET A 718 -10.13 15.44 27.85
CA MET A 718 -11.02 15.96 26.77
C MET A 718 -11.46 17.38 27.12
N GLY A 719 -11.63 18.21 26.10
CA GLY A 719 -12.03 19.59 26.26
C GLY A 719 -13.53 19.80 26.09
N ILE A 720 -13.94 21.05 26.30
CA ILE A 720 -15.36 21.39 26.26
C ILE A 720 -15.83 21.83 24.88
N ASP A 721 -14.91 22.27 24.01
CA ASP A 721 -15.24 22.59 22.63
C ASP A 721 -14.76 21.51 21.66
N ASP A 722 -14.62 20.26 22.13
CA ASP A 722 -14.12 19.16 21.32
C ASP A 722 -15.30 18.45 20.65
N HIS A 723 -15.30 18.43 19.32
CA HIS A 723 -16.39 17.83 18.56
C HIS A 723 -16.32 16.31 18.66
N PHE A 724 -17.45 15.67 19.00
CA PHE A 724 -17.44 14.24 19.27
C PHE A 724 -17.03 13.44 18.03
N LEU A 725 -17.51 13.85 16.85
CA LEU A 725 -17.21 13.10 15.63
C LEU A 725 -15.80 13.37 15.14
N GLU A 726 -15.36 14.64 15.20
CA GLU A 726 -14.02 14.98 14.76
C GLU A 726 -12.94 14.18 15.49
N ARG A 727 -13.23 13.67 16.67
CA ARG A 727 -12.25 12.99 17.50
C ARG A 727 -12.53 11.49 17.60
N GLY A 728 -13.01 10.89 16.52
CA GLY A 728 -13.16 9.45 16.43
C GLY A 728 -14.54 8.92 16.70
N GLY A 729 -15.51 9.79 17.02
CA GLY A 729 -16.83 9.32 17.33
C GLY A 729 -17.55 8.79 16.10
N ASP A 730 -18.32 7.74 16.31
CA ASP A 730 -19.14 7.14 15.25
C ASP A 730 -20.41 6.59 15.89
N SER A 731 -21.21 5.89 15.09
CA SER A 731 -22.48 5.37 15.59
C SER A 731 -22.28 4.45 16.80
N ILE A 732 -21.25 3.60 16.75
CA ILE A 732 -21.03 2.67 17.85
C ILE A 732 -20.68 3.44 19.12
N LYS A 733 -19.76 4.40 19.02
CA LYS A 733 -19.35 5.16 20.19
C LYS A 733 -20.45 6.09 20.69
N VAL A 734 -21.40 6.47 19.83
CA VAL A 734 -22.57 7.21 20.31
C VAL A 734 -23.45 6.32 21.16
N MET A 735 -23.54 5.03 20.83
CA MET A 735 -24.29 4.10 21.67
C MET A 735 -23.63 3.94 23.03
N GLN A 736 -22.29 3.87 23.06
CA GLN A 736 -21.59 3.75 24.34
C GLN A 736 -21.84 4.98 25.20
N LEU A 737 -21.82 6.17 24.58
CA LEU A 737 -22.08 7.40 25.32
C LEU A 737 -23.44 7.37 26.00
N ILE A 738 -24.49 7.01 25.25
CA ILE A 738 -25.83 6.98 25.80
C ILE A 738 -25.89 6.03 27.00
N HIS A 739 -25.40 4.80 26.83
CA HIS A 739 -25.51 3.82 27.90
C HIS A 739 -24.67 4.20 29.12
N GLN A 740 -23.57 4.92 28.92
CA GLN A 740 -22.78 5.39 30.04
C GLN A 740 -23.39 6.61 30.72
N LEU A 741 -24.23 7.37 30.01
CA LEU A 741 -24.96 8.45 30.65
C LEU A 741 -26.19 7.93 31.39
N LYS A 742 -26.76 6.82 30.93
CA LYS A 742 -27.78 6.13 31.72
C LYS A 742 -27.21 5.58 33.02
N ASN A 743 -25.90 5.47 33.08
CA ASN A 743 -25.16 5.03 34.29
C ASN A 743 -25.13 6.16 35.32
N ILE A 744 -25.42 7.40 34.91
CA ILE A 744 -25.46 8.54 35.86
C ILE A 744 -26.81 9.18 35.79
N GLY A 745 -27.84 8.43 35.45
CA GLY A 745 -29.20 8.93 35.44
C GLY A 745 -29.47 10.05 34.45
N LEU A 746 -28.56 10.29 33.51
CA LEU A 746 -28.73 11.30 32.48
C LEU A 746 -29.23 10.62 31.21
N SER A 747 -30.42 10.98 30.75
CA SER A 747 -31.02 10.38 29.57
C SER A 747 -30.69 11.22 28.35
N LEU A 748 -30.13 10.58 27.33
CA LEU A 748 -29.79 11.23 26.07
C LEU A 748 -30.27 10.35 24.92
N ARG A 749 -30.86 10.98 23.91
CA ARG A 749 -31.32 10.26 22.73
C ARG A 749 -30.25 10.30 21.64
N TYR A 750 -30.42 9.39 20.67
CA TYR A 750 -29.43 9.25 19.60
C TYR A 750 -29.32 10.53 18.78
N ASP A 751 -30.47 11.05 18.32
CA ASP A 751 -30.46 12.23 17.46
C ASP A 751 -29.97 13.49 18.17
N GLN A 752 -30.02 13.52 19.50
CA GLN A 752 -29.64 14.74 20.22
C GLN A 752 -28.13 14.96 20.20
N LEU A 753 -27.35 13.92 20.11
CA LEU A 753 -25.89 14.00 20.08
C LEU A 753 -25.43 14.71 18.82
N PHE A 754 -26.12 14.56 17.69
CA PHE A 754 -25.68 15.16 16.43
C PHE A 754 -26.05 16.64 16.33
N THR A 755 -27.07 17.09 17.05
CA THR A 755 -27.38 18.51 17.10
C THR A 755 -26.46 19.25 18.07
N HIS A 756 -26.03 18.59 19.15
CA HIS A 756 -25.15 19.18 20.16
C HIS A 756 -23.91 18.30 20.30
N PRO A 757 -23.03 18.31 19.30
CA PRO A 757 -21.88 17.39 19.29
C PRO A 757 -20.71 17.79 20.18
N THR A 758 -20.89 18.74 21.09
CA THR A 758 -19.85 19.14 22.03
C THR A 758 -20.42 19.13 23.45
N ILE A 759 -19.54 19.03 24.43
CA ILE A 759 -19.99 19.01 25.82
C ILE A 759 -20.62 20.36 26.17
N ARG A 760 -20.04 21.45 25.66
CA ARG A 760 -20.60 22.78 25.92
C ARG A 760 -22.05 22.86 25.50
N GLN A 761 -22.38 22.31 24.33
CA GLN A 761 -23.76 22.31 23.86
C GLN A 761 -24.57 21.19 24.51
N LEU A 762 -23.98 20.01 24.66
CA LEU A 762 -24.73 18.86 25.16
C LEU A 762 -25.14 19.06 26.62
N LYS A 763 -24.39 19.84 27.39
CA LYS A 763 -24.72 20.01 28.80
C LYS A 763 -26.07 20.69 28.99
N ARG A 764 -26.53 21.46 27.99
CA ARG A 764 -27.80 22.15 28.12
C ARG A 764 -28.97 21.20 28.27
N LEU A 765 -28.85 19.99 27.73
CA LEU A 765 -29.97 19.04 27.68
C LEU A 765 -29.93 18.00 28.80
N LEU A 766 -28.92 18.05 29.67
CA LEU A 766 -28.73 17.08 30.77
C LEU A 766 -28.87 17.78 32.13
N THR A 767 -30.10 17.94 32.61
CA THR A 767 -30.45 18.56 33.92
C THR A 767 -31.18 17.52 34.80
N GLU A 768 -32.33 17.02 34.35
CA GLU A 768 -33.13 16.01 35.07
C GLU A 768 -32.23 14.76 35.20
N GLN A 769 -32.13 14.18 36.38
CA GLN A 769 -31.29 12.98 36.65
C GLN A 769 -32.16 11.79 37.04
N LYS A 770 -33.19 11.51 36.27
CA LYS A 770 -34.10 10.35 36.46
C LYS A 770 -33.82 9.33 35.34
N GLN A 771 -34.65 8.27 35.16
CA GLN A 771 -34.44 7.21 34.13
C GLN A 771 -33.03 6.69 34.35
N VAL A 772 -32.79 6.10 35.52
CA VAL A 772 -31.45 5.66 36.02
C VAL A 772 -31.42 4.14 36.17
N SER A 773 -32.25 3.45 35.40
CA SER A 773 -32.42 1.97 35.44
C SER A 773 -31.14 1.22 35.06
N LEU A 774 -30.39 0.74 36.05
CA LEU A 774 -29.17 -0.11 35.86
C LEU A 774 -29.63 -1.57 35.92
N GLU A 775 -29.76 -2.25 34.78
CA GLU A 775 -30.31 -3.63 34.72
C GLU A 775 -29.31 -4.58 34.06
N PRO A 776 -28.58 -5.44 34.78
CA PRO A 776 -27.65 -6.36 34.13
C PRO A 776 -28.37 -7.56 33.53
N LEU A 777 -27.75 -8.13 32.51
CA LEU A 777 -28.28 -9.35 31.90
C LEU A 777 -28.13 -10.51 32.87
N ARG A 778 -29.21 -11.24 33.09
CA ARG A 778 -29.26 -12.28 34.12
C ARG A 778 -29.00 -13.66 33.52
N GLU A 779 -28.18 -14.44 34.22
CA GLU A 779 -27.89 -15.81 33.79
C GLU A 779 -29.09 -16.71 34.04
N LEU A 780 -29.23 -17.70 33.16
CA LEU A 780 -30.33 -18.65 33.25
C LEU A 780 -29.91 -19.90 34.01
N ASP A 781 -30.86 -20.50 34.72
CA ASP A 781 -30.61 -21.78 35.37
C ASP A 781 -30.42 -22.86 34.32
N GLU A 782 -29.71 -23.93 34.71
CA GLU A 782 -29.46 -25.02 33.78
C GLU A 782 -30.77 -25.61 33.29
N GLN A 783 -30.84 -25.86 31.98
CA GLN A 783 -32.01 -26.46 31.36
C GLN A 783 -31.55 -27.43 30.28
N ALA A 784 -32.33 -28.48 30.07
CA ALA A 784 -32.07 -29.38 28.96
C ALA A 784 -32.19 -28.67 27.61
N GLU A 785 -32.95 -27.58 27.57
CA GLU A 785 -33.22 -26.87 26.33
C GLU A 785 -33.42 -25.40 26.64
N TYR A 786 -33.21 -24.56 25.62
CA TYR A 786 -33.27 -23.11 25.78
C TYR A 786 -34.02 -22.50 24.61
N GLU A 787 -34.50 -21.28 24.84
CA GLU A 787 -35.20 -20.51 23.82
C GLU A 787 -34.21 -19.90 22.84
N THR A 788 -34.62 -19.81 21.58
CA THR A 788 -33.83 -19.17 20.54
C THR A 788 -34.30 -17.74 20.32
N SER A 789 -33.38 -16.90 19.84
CA SER A 789 -33.71 -15.52 19.55
C SER A 789 -34.53 -15.43 18.27
N ALA A 790 -35.03 -14.22 17.99
CA ALA A 790 -35.84 -14.01 16.81
C ALA A 790 -35.04 -14.25 15.54
N VAL A 791 -33.83 -13.69 15.45
CA VAL A 791 -33.03 -13.85 14.25
C VAL A 791 -32.54 -15.29 14.10
N GLU A 792 -32.31 -16.00 15.22
CA GLU A 792 -31.92 -17.40 15.13
C GLU A 792 -33.04 -18.23 14.50
N LYS A 793 -34.28 -18.00 14.93
CA LYS A 793 -35.41 -18.70 14.33
C LYS A 793 -35.46 -18.46 12.83
N CYS A 794 -35.33 -17.21 12.40
CA CYS A 794 -35.37 -16.88 10.99
C CYS A 794 -34.28 -17.63 10.22
N MET A 795 -33.04 -17.59 10.71
CA MET A 795 -31.90 -18.26 10.07
C MET A 795 -32.19 -19.76 9.98
N TYR A 796 -32.64 -20.37 11.06
CA TYR A 796 -32.92 -21.80 11.07
C TYR A 796 -33.94 -22.17 10.01
N ILE A 797 -35.06 -21.43 9.95
CA ILE A 797 -36.12 -21.74 8.99
C ILE A 797 -35.58 -21.66 7.57
N ILE A 798 -34.75 -20.65 7.29
CA ILE A 798 -34.17 -20.50 5.96
C ILE A 798 -33.31 -21.73 5.63
N GLN A 799 -32.46 -22.13 6.57
CA GLN A 799 -31.56 -23.25 6.28
C GLN A 799 -32.36 -24.52 5.99
N GLN A 800 -33.48 -24.71 6.69
CA GLN A 800 -34.30 -25.90 6.46
C GLN A 800 -34.98 -25.88 5.09
N GLN A 801 -35.14 -24.70 4.49
CA GLN A 801 -35.71 -24.62 3.15
C GLN A 801 -34.83 -25.31 2.11
N ASP A 802 -33.51 -25.30 2.33
CA ASP A 802 -32.57 -26.06 1.50
C ASP A 802 -31.37 -26.41 2.36
N VAL A 803 -31.38 -27.62 2.93
CA VAL A 803 -30.36 -27.98 3.92
C VAL A 803 -28.98 -28.09 3.30
N GLU A 804 -28.88 -28.25 1.98
CA GLU A 804 -27.59 -28.36 1.31
C GLU A 804 -27.02 -27.01 0.88
N SER A 805 -27.76 -25.92 1.06
CA SER A 805 -27.28 -24.61 0.63
C SER A 805 -26.14 -24.14 1.52
N ILE A 806 -25.11 -23.57 0.89
CA ILE A 806 -24.02 -22.93 1.63
C ILE A 806 -24.14 -21.40 1.58
N ALA A 807 -25.28 -20.88 1.13
CA ALA A 807 -25.44 -19.44 0.96
C ALA A 807 -25.23 -18.67 2.26
N TYR A 808 -25.36 -19.32 3.41
CA TYR A 808 -25.17 -18.65 4.69
C TYR A 808 -23.93 -19.14 5.43
N ASN A 809 -22.99 -19.76 4.72
CA ASN A 809 -21.68 -20.03 5.28
C ASN A 809 -20.82 -18.78 5.23
N VAL A 810 -19.89 -18.68 6.18
CA VAL A 810 -19.01 -17.51 6.31
C VAL A 810 -17.59 -18.03 6.36
N VAL A 811 -16.77 -17.60 5.39
CA VAL A 811 -15.43 -18.16 5.18
C VAL A 811 -14.40 -17.02 5.17
N TYR A 812 -13.37 -17.17 6.00
CA TYR A 812 -12.26 -16.22 6.09
C TYR A 812 -10.93 -16.97 5.99
N THR A 813 -9.89 -16.22 5.59
CA THR A 813 -8.53 -16.74 5.53
C THR A 813 -7.58 -15.75 6.18
N ILE A 814 -6.46 -16.24 6.66
CA ILE A 814 -5.39 -15.50 7.25
C ILE A 814 -4.03 -16.05 6.84
N ASN A 815 -3.17 -15.20 6.32
CA ASN A 815 -1.84 -15.61 5.89
C ASN A 815 -0.88 -15.47 7.06
N PHE A 816 -0.28 -16.58 7.46
CA PHE A 816 0.77 -16.59 8.46
C PHE A 816 2.11 -16.88 7.80
N PRO A 817 3.22 -16.45 8.42
CA PRO A 817 4.53 -16.88 7.94
C PRO A 817 4.80 -18.33 8.31
N LEU A 818 5.70 -18.95 7.53
CA LEU A 818 6.02 -20.36 7.74
C LEU A 818 6.60 -20.64 9.12
N THR A 819 7.03 -19.62 9.84
CA THR A 819 7.62 -19.79 11.16
C THR A 819 6.59 -20.03 12.26
N VAL A 820 5.31 -19.84 11.98
CA VAL A 820 4.28 -20.06 12.99
C VAL A 820 3.95 -21.54 13.05
N ASP A 821 3.71 -22.05 14.26
CA ASP A 821 3.43 -23.45 14.47
C ASP A 821 1.94 -23.72 14.25
N THR A 822 1.68 -24.59 13.30
CA THR A 822 0.34 -25.05 12.90
C THR A 822 -0.44 -25.58 14.10
N GLU A 823 0.23 -26.28 15.01
CA GLU A 823 -0.41 -26.92 16.15
C GLU A 823 -0.79 -25.90 17.23
N GLN A 824 0.01 -24.85 17.40
CA GLN A 824 -0.41 -23.77 18.29
C GLN A 824 -1.69 -23.10 17.80
N ILE A 825 -1.87 -23.02 16.48
CA ILE A 825 -3.09 -22.45 15.93
C ILE A 825 -4.28 -23.37 16.22
N ARG A 826 -4.12 -24.66 15.97
CA ARG A 826 -5.19 -25.60 16.25
C ARG A 826 -5.60 -25.55 17.73
N VAL A 827 -4.63 -25.53 18.63
CA VAL A 827 -4.93 -25.52 20.06
C VAL A 827 -5.67 -24.24 20.44
N ALA A 828 -5.25 -23.10 19.90
CA ALA A 828 -5.94 -21.85 20.20
C ALA A 828 -7.40 -21.89 19.74
N LEU A 829 -7.66 -22.44 18.57
CA LEU A 829 -9.05 -22.57 18.13
C LEU A 829 -9.83 -23.49 19.05
N GLU A 830 -9.24 -24.61 19.46
CA GLU A 830 -9.93 -25.54 20.35
C GLU A 830 -10.29 -24.87 21.67
N GLN A 831 -9.40 -24.00 22.18
CA GLN A 831 -9.73 -23.28 23.40
C GLN A 831 -10.87 -22.31 23.19
N LEU A 832 -11.00 -21.75 21.99
CA LEU A 832 -12.11 -20.85 21.73
C LEU A 832 -13.43 -21.59 21.65
N VAL A 833 -13.41 -22.85 21.22
CA VAL A 833 -14.60 -23.68 21.25
C VAL A 833 -15.03 -23.94 22.69
N LEU A 834 -14.06 -24.10 23.59
CA LEU A 834 -14.35 -24.24 25.01
C LEU A 834 -14.85 -22.94 25.60
N ARG A 835 -14.29 -21.81 25.17
CA ARG A 835 -14.62 -20.51 25.76
C ARG A 835 -16.06 -20.10 25.48
N HIS A 836 -16.53 -20.28 24.25
CA HIS A 836 -17.77 -19.66 23.78
C HIS A 836 -18.85 -20.71 23.55
N GLU A 837 -19.94 -20.62 24.31
CA GLU A 837 -21.02 -21.59 24.19
C GLU A 837 -21.63 -21.58 22.80
N GLY A 838 -21.52 -20.48 22.07
CA GLY A 838 -22.00 -20.46 20.70
C GLY A 838 -21.38 -21.54 19.84
N LEU A 839 -20.09 -21.81 20.05
CA LEU A 839 -19.40 -22.88 19.34
C LEU A 839 -19.74 -24.26 19.89
N ARG A 840 -20.56 -24.34 20.93
CA ARG A 840 -21.05 -25.62 21.43
C ARG A 840 -22.57 -25.63 21.48
N SER A 841 -23.22 -24.94 20.54
CA SER A 841 -24.68 -24.84 20.49
C SER A 841 -25.22 -25.62 19.31
N THR A 842 -26.37 -26.25 19.51
CA THR A 842 -27.09 -26.97 18.46
C THR A 842 -28.54 -26.49 18.43
N TYR A 843 -29.21 -26.75 17.31
CA TYR A 843 -30.55 -26.24 17.08
C TYR A 843 -31.47 -27.38 16.67
N HIS A 844 -32.66 -27.39 17.25
CA HIS A 844 -33.62 -28.47 17.04
C HIS A 844 -35.04 -27.93 17.02
N MET A 845 -35.90 -28.61 16.28
CA MET A 845 -37.31 -28.22 16.16
C MET A 845 -38.14 -29.17 17.03
N ARG A 846 -38.61 -28.66 18.17
CA ARG A 846 -39.44 -29.42 19.11
C ARG A 846 -40.90 -29.05 18.86
N GLY A 847 -41.54 -29.77 17.94
CA GLY A 847 -42.92 -29.49 17.59
C GLY A 847 -43.11 -28.09 17.03
N ASP A 848 -43.63 -27.18 17.86
CA ASP A 848 -43.86 -25.81 17.42
C ASP A 848 -42.58 -24.97 17.45
N GLU A 849 -41.79 -25.10 18.50
CA GLU A 849 -40.70 -24.18 18.75
C GLU A 849 -39.40 -24.63 18.09
N ILE A 850 -38.50 -23.67 17.90
CA ILE A 850 -37.12 -23.92 17.53
C ILE A 850 -36.28 -23.73 18.78
N VAL A 851 -35.54 -24.76 19.15
CA VAL A 851 -34.93 -24.88 20.47
C VAL A 851 -33.42 -25.06 20.33
N LYS A 852 -32.70 -24.63 21.37
CA LYS A 852 -31.25 -24.67 21.42
C LYS A 852 -30.78 -25.57 22.55
N ARG A 853 -29.82 -26.43 22.27
CA ARG A 853 -29.16 -27.34 23.24
C ARG A 853 -27.68 -26.99 23.26
N ILE A 854 -27.05 -27.12 24.40
CA ILE A 854 -25.64 -26.79 24.58
C ILE A 854 -24.93 -28.03 25.10
N VAL A 855 -23.79 -28.36 24.49
CA VAL A 855 -23.02 -29.53 24.86
C VAL A 855 -21.80 -29.07 25.66
N PRO A 856 -21.34 -29.83 26.67
CA PRO A 856 -20.18 -29.37 27.45
C PRO A 856 -18.88 -29.39 26.67
N ARG A 857 -18.75 -30.21 25.63
CA ARG A 857 -17.53 -30.29 24.84
C ARG A 857 -17.88 -30.58 23.38
N ALA A 858 -17.03 -30.11 22.48
CA ALA A 858 -17.23 -30.35 21.06
C ALA A 858 -15.88 -30.48 20.36
N GLU A 859 -15.84 -31.34 19.35
CA GLU A 859 -14.61 -31.68 18.65
C GLU A 859 -14.49 -30.83 17.39
N LEU A 860 -13.42 -30.04 17.30
CA LEU A 860 -13.19 -29.18 16.15
C LEU A 860 -12.49 -29.94 15.04
N SER A 861 -13.06 -29.87 13.83
CA SER A 861 -12.44 -30.46 12.64
C SER A 861 -11.32 -29.55 12.14
N PHE A 862 -10.11 -30.09 12.04
CA PHE A 862 -8.93 -29.32 11.65
C PHE A 862 -8.12 -30.14 10.66
N VAL A 863 -7.98 -29.62 9.43
CA VAL A 863 -7.38 -30.35 8.32
C VAL A 863 -6.08 -29.68 7.89
N ARG A 864 -5.06 -30.50 7.66
CA ARG A 864 -3.74 -30.02 7.24
C ARG A 864 -3.50 -30.42 5.80
N GLN A 865 -3.13 -29.43 4.97
CA GLN A 865 -2.92 -29.66 3.55
C GLN A 865 -1.68 -28.90 3.09
N THR A 866 -1.12 -29.33 1.97
CA THR A 866 -0.06 -28.63 1.28
C THR A 866 -0.46 -28.45 -0.18
N GLY A 867 -0.03 -27.33 -0.76
CA GLY A 867 -0.32 -27.07 -2.16
C GLY A 867 0.39 -25.81 -2.61
N GLU A 868 0.27 -25.54 -3.91
CA GLU A 868 0.83 -24.32 -4.49
C GLU A 868 -0.12 -23.16 -4.31
N GLU A 869 0.43 -21.96 -4.30
CA GLU A 869 -0.33 -20.72 -4.13
C GLU A 869 -1.47 -20.68 -5.12
N GLU A 870 -1.24 -21.13 -6.34
CA GLU A 870 -2.23 -21.04 -7.44
C GLU A 870 -3.42 -21.96 -7.18
N SER A 871 -3.26 -22.93 -6.30
CA SER A 871 -4.30 -23.90 -5.98
C SER A 871 -5.05 -23.59 -4.69
N VAL A 872 -4.67 -22.53 -3.97
CA VAL A 872 -5.25 -22.28 -2.64
C VAL A 872 -6.76 -22.13 -2.72
N GLN A 873 -7.24 -21.22 -3.58
CA GLN A 873 -8.68 -20.94 -3.63
C GLN A 873 -9.46 -22.18 -4.03
N SER A 874 -8.91 -22.99 -4.94
CA SER A 874 -9.60 -24.21 -5.35
C SER A 874 -9.66 -25.21 -4.20
N LEU A 875 -8.60 -25.28 -3.39
CA LEU A 875 -8.62 -26.21 -2.27
C LEU A 875 -9.57 -25.76 -1.17
N LEU A 876 -9.69 -24.44 -0.97
CA LEU A 876 -10.65 -23.93 -0.01
C LEU A 876 -12.09 -24.25 -0.45
N ALA A 877 -12.38 -24.01 -1.73
CA ALA A 877 -13.74 -24.21 -2.22
C ALA A 877 -14.21 -25.65 -2.01
N GLU A 878 -13.29 -26.62 -2.09
CA GLU A 878 -13.66 -28.01 -1.83
C GLU A 878 -14.05 -28.25 -0.37
N GLN A 879 -13.58 -27.40 0.54
CA GLN A 879 -13.86 -27.56 1.97
C GLN A 879 -15.15 -26.89 2.41
N ILE A 880 -15.79 -26.10 1.56
CA ILE A 880 -16.97 -25.31 1.93
C ILE A 880 -18.19 -26.20 1.71
N LYS A 881 -18.74 -26.72 2.80
CA LYS A 881 -19.85 -27.65 2.76
C LYS A 881 -20.93 -27.23 3.75
N PRO A 882 -22.16 -27.73 3.58
CA PRO A 882 -23.25 -27.31 4.47
C PRO A 882 -22.98 -27.71 5.91
N PHE A 883 -23.65 -26.99 6.81
CA PHE A 883 -23.60 -27.29 8.24
C PHE A 883 -24.93 -27.91 8.66
N ASP A 884 -24.86 -29.02 9.39
CA ASP A 884 -26.02 -29.58 10.08
C ASP A 884 -26.21 -28.78 11.36
N LEU A 885 -27.26 -27.96 11.41
CA LEU A 885 -27.45 -27.08 12.56
C LEU A 885 -27.70 -27.82 13.87
N ALA A 886 -27.98 -29.11 13.81
CA ALA A 886 -28.15 -29.92 15.02
C ALA A 886 -26.83 -30.42 15.60
N LYS A 887 -25.70 -30.15 14.94
CA LYS A 887 -24.41 -30.67 15.36
C LYS A 887 -23.42 -29.53 15.60
N ALA A 888 -22.66 -29.64 16.70
CA ALA A 888 -21.63 -28.68 17.05
C ALA A 888 -20.24 -29.30 16.90
N PRO A 889 -19.19 -28.49 16.67
CA PRO A 889 -19.23 -27.04 16.56
C PRO A 889 -19.66 -26.55 15.17
N LEU A 890 -20.28 -25.38 15.12
CA LEU A 890 -20.65 -24.78 13.83
C LEU A 890 -19.45 -24.04 13.26
N LEU A 891 -18.32 -24.72 13.18
CA LEU A 891 -17.05 -24.13 12.76
C LEU A 891 -16.12 -25.24 12.31
N ARG A 892 -15.47 -25.03 11.16
CA ARG A 892 -14.44 -25.92 10.65
C ARG A 892 -13.23 -25.09 10.25
N ALA A 893 -12.05 -25.71 10.30
CA ALA A 893 -10.82 -24.98 10.06
C ALA A 893 -9.76 -25.91 9.47
N GLY A 894 -8.67 -25.30 9.03
CA GLY A 894 -7.56 -26.05 8.45
C GLY A 894 -6.47 -25.07 8.08
N VAL A 895 -5.34 -25.64 7.65
CA VAL A 895 -4.18 -24.86 7.23
C VAL A 895 -3.66 -25.43 5.92
N ILE A 896 -3.50 -24.55 4.94
CA ILE A 896 -2.92 -24.90 3.64
C ILE A 896 -1.52 -24.30 3.61
N GLU A 897 -0.50 -25.17 3.63
CA GLU A 897 0.88 -24.71 3.61
C GLU A 897 1.37 -24.66 2.17
N THR A 898 1.89 -23.51 1.76
CA THR A 898 2.51 -23.34 0.45
C THR A 898 4.02 -23.16 0.64
N ALA A 899 4.70 -22.78 -0.44
CA ALA A 899 6.14 -22.58 -0.38
C ALA A 899 6.52 -21.34 0.40
N ASP A 900 5.62 -20.36 0.51
CA ASP A 900 5.96 -19.07 1.10
C ASP A 900 5.13 -18.67 2.32
N LYS A 901 4.06 -19.40 2.63
CA LYS A 901 3.23 -19.06 3.79
C LYS A 901 2.27 -20.17 4.16
N LYS A 902 1.64 -20.00 5.30
CA LYS A 902 0.61 -20.92 5.77
C LYS A 902 -0.73 -20.17 5.79
N VAL A 903 -1.70 -20.68 5.05
CA VAL A 903 -3.01 -20.05 4.95
C VAL A 903 -3.94 -20.76 5.93
N LEU A 904 -4.32 -20.06 6.99
CA LEU A 904 -5.35 -20.55 7.90
C LEU A 904 -6.72 -20.15 7.35
N TRP A 905 -7.63 -21.12 7.27
CA TRP A 905 -9.00 -20.86 6.86
C TRP A 905 -9.94 -21.40 7.92
N PHE A 906 -11.09 -20.75 8.07
CA PHE A 906 -12.15 -21.31 8.90
C PHE A 906 -13.49 -20.96 8.30
N ASP A 907 -14.39 -21.93 8.31
CA ASP A 907 -15.72 -21.77 7.78
C ASP A 907 -16.70 -21.89 8.94
N SER A 908 -17.73 -21.03 8.92
CA SER A 908 -18.74 -20.99 9.97
C SER A 908 -20.08 -20.70 9.34
N HIS A 909 -21.12 -20.74 10.16
CA HIS A 909 -22.48 -20.46 9.72
C HIS A 909 -22.90 -19.10 10.28
N HIS A 910 -23.76 -18.42 9.52
CA HIS A 910 -24.18 -17.08 9.90
C HIS A 910 -24.99 -17.06 11.20
N ILE A 911 -25.60 -18.18 11.58
CA ILE A 911 -26.34 -18.25 12.83
C ILE A 911 -25.43 -18.13 14.05
N LEU A 912 -24.13 -18.27 13.87
CA LEU A 912 -23.17 -18.09 14.94
C LEU A 912 -22.29 -16.86 14.76
N LEU A 913 -21.68 -16.70 13.59
CA LEU A 913 -20.64 -15.69 13.40
C LEU A 913 -21.19 -14.52 12.59
N ASP A 914 -21.35 -13.38 13.24
CA ASP A 914 -21.64 -12.13 12.54
C ASP A 914 -20.39 -11.26 12.53
N GLY A 915 -20.55 -10.02 12.04
CA GLY A 915 -19.41 -9.15 11.84
C GLY A 915 -18.62 -8.89 13.11
N LEU A 916 -19.30 -8.45 14.16
CA LEU A 916 -18.60 -8.18 15.42
C LEU A 916 -18.06 -9.46 16.05
N SER A 917 -18.76 -10.59 15.86
CA SER A 917 -18.25 -11.85 16.39
C SER A 917 -16.91 -12.20 15.77
N LYS A 918 -16.75 -11.95 14.47
CA LYS A 918 -15.47 -12.16 13.81
C LYS A 918 -14.38 -11.30 14.44
N SER A 919 -14.70 -10.05 14.78
CA SER A 919 -13.72 -9.19 15.42
C SER A 919 -13.31 -9.73 16.78
N ILE A 920 -14.28 -10.23 17.56
CA ILE A 920 -13.95 -10.83 18.84
C ILE A 920 -13.09 -12.07 18.64
N LEU A 921 -13.50 -12.93 17.71
CA LEU A 921 -12.74 -14.15 17.45
C LEU A 921 -11.31 -13.84 17.04
N ALA A 922 -11.12 -12.79 16.25
CA ALA A 922 -9.78 -12.42 15.81
C ALA A 922 -8.94 -11.88 16.97
N ARG A 923 -9.54 -11.03 17.80
CA ARG A 923 -8.79 -10.47 18.92
C ARG A 923 -8.37 -11.55 19.90
N GLU A 924 -9.28 -12.48 20.22
CA GLU A 924 -8.95 -13.52 21.18
C GLU A 924 -7.97 -14.53 20.59
N LEU A 925 -8.03 -14.76 19.28
CA LEU A 925 -7.06 -15.62 18.64
C LEU A 925 -5.67 -14.99 18.67
N GLN A 926 -5.60 -13.68 18.48
CA GLN A 926 -4.31 -13.01 18.54
C GLN A 926 -3.70 -13.10 19.93
N ALA A 927 -4.54 -12.97 20.97
CA ALA A 927 -4.03 -13.05 22.33
C ALA A 927 -3.46 -14.43 22.64
N LEU A 928 -4.20 -15.49 22.25
CA LEU A 928 -3.76 -16.85 22.54
C LEU A 928 -2.44 -17.17 21.86
N LEU A 929 -2.27 -16.76 20.60
CA LEU A 929 -1.01 -16.98 19.91
C LEU A 929 0.12 -16.17 20.53
N GLY A 930 -0.20 -15.12 21.28
CA GLY A 930 0.79 -14.36 22.00
C GLY A 930 1.06 -14.85 23.40
N GLN A 931 0.51 -16.01 23.78
CA GLN A 931 0.70 -16.58 25.11
C GLN A 931 0.18 -15.62 26.18
N GLN A 932 -1.10 -15.27 26.05
CA GLN A 932 -1.78 -14.43 27.01
C GLN A 932 -2.95 -15.20 27.62
N VAL A 933 -3.31 -14.83 28.85
CA VAL A 933 -4.41 -15.45 29.56
C VAL A 933 -5.65 -14.59 29.40
N LEU A 934 -6.80 -15.23 29.17
CA LEU A 934 -8.05 -14.54 28.94
C LEU A 934 -9.00 -14.76 30.12
N SER A 935 -9.65 -13.68 30.55
CA SER A 935 -10.65 -13.81 31.59
C SER A 935 -11.90 -14.50 31.04
N PRO A 936 -12.59 -15.29 31.86
CA PRO A 936 -13.73 -16.06 31.33
C PRO A 936 -14.82 -15.15 30.80
N VAL A 937 -15.67 -15.72 29.95
CA VAL A 937 -16.82 -15.00 29.40
C VAL A 937 -17.91 -14.96 30.45
N GLU A 938 -18.40 -13.77 30.76
CA GLU A 938 -19.40 -13.52 31.82
C GLU A 938 -20.81 -13.86 31.36
N LYS A 939 -21.30 -13.32 30.25
CA LYS A 939 -22.68 -13.56 29.78
C LYS A 939 -22.75 -14.62 28.69
N THR A 940 -23.93 -15.10 28.39
CA THR A 940 -24.16 -16.10 27.34
C THR A 940 -25.26 -15.62 26.40
N TYR A 941 -25.21 -16.01 25.15
CA TYR A 941 -26.21 -15.60 24.17
C TYR A 941 -27.60 -16.06 24.59
N LYS A 942 -27.72 -17.23 25.20
CA LYS A 942 -29.04 -17.79 25.49
C LYS A 942 -29.80 -16.94 26.51
N SER A 943 -29.08 -16.22 27.36
CA SER A 943 -29.74 -15.33 28.30
C SER A 943 -30.21 -14.06 27.62
N PHE A 944 -29.43 -13.54 26.66
CA PHE A 944 -29.90 -12.41 25.88
C PHE A 944 -31.17 -12.77 25.10
N ALA A 945 -31.23 -14.01 24.61
CA ALA A 945 -32.40 -14.41 23.82
C ALA A 945 -33.68 -14.42 24.67
N ARG A 946 -33.57 -14.81 25.94
CA ARG A 946 -34.75 -14.81 26.80
C ARG A 946 -35.13 -13.38 27.19
N TRP A 947 -34.13 -12.53 27.45
CA TRP A 947 -34.40 -11.13 27.74
C TRP A 947 -35.11 -10.43 26.58
N GLN A 948 -34.64 -10.66 25.36
CA GLN A 948 -35.22 -9.98 24.21
C GLN A 948 -36.61 -10.51 23.89
N ASN A 949 -36.80 -11.84 24.00
CA ASN A 949 -38.12 -12.40 23.74
C ASN A 949 -39.18 -11.83 24.68
N GLU A 950 -38.79 -11.48 25.90
CA GLU A 950 -39.72 -10.84 26.82
C GLU A 950 -39.89 -9.37 26.48
N TRP A 951 -38.80 -8.73 26.04
CA TRP A 951 -38.87 -7.32 25.65
C TRP A 951 -39.89 -7.11 24.54
N PHE A 952 -40.13 -8.12 23.70
CA PHE A 952 -41.14 -8.03 22.66
C PHE A 952 -42.56 -7.86 23.20
N ALA A 953 -42.75 -7.94 24.51
CA ALA A 953 -44.07 -7.74 25.12
C ALA A 953 -44.20 -6.40 25.82
N SER A 954 -43.13 -5.60 25.85
CA SER A 954 -43.18 -4.31 26.52
C SER A 954 -43.80 -3.25 25.61
N ASP A 955 -44.09 -2.08 26.21
CA ASP A 955 -44.66 -0.98 25.44
C ASP A 955 -43.62 -0.34 24.53
N GLU A 956 -42.35 -0.32 24.94
CA GLU A 956 -41.31 0.24 24.09
C GLU A 956 -41.27 -0.48 22.75
N TYR A 957 -41.43 -1.80 22.74
CA TYR A 957 -41.49 -2.53 21.48
C TYR A 957 -42.71 -2.12 20.68
N GLU A 958 -43.87 -1.97 21.34
CA GLU A 958 -45.07 -1.59 20.65
C GLU A 958 -44.88 -0.28 19.90
N GLN A 959 -44.14 0.66 20.50
CA GLN A 959 -43.89 1.94 19.87
C GLN A 959 -42.97 1.80 18.66
N GLN A 960 -41.95 0.93 18.74
CA GLN A 960 -41.04 0.76 17.63
C GLN A 960 -41.75 0.17 16.43
N ILE A 961 -42.52 -0.91 16.64
CA ILE A 961 -43.24 -1.51 15.53
C ILE A 961 -44.26 -0.54 14.95
N ALA A 962 -44.79 0.38 15.78
CA ALA A 962 -45.71 1.40 15.29
C ALA A 962 -45.05 2.35 14.31
N TYR A 963 -43.76 2.66 14.53
CA TYR A 963 -43.02 3.46 13.55
C TYR A 963 -43.02 2.78 12.17
N TRP A 964 -42.81 1.45 12.13
CA TRP A 964 -42.70 0.76 10.85
C TRP A 964 -44.07 0.58 10.20
N LYS A 965 -45.09 0.29 11.01
CA LYS A 965 -46.45 0.23 10.48
C LYS A 965 -46.81 1.51 9.74
N THR A 966 -46.46 2.67 10.32
CA THR A 966 -46.77 3.95 9.69
C THR A 966 -45.90 4.18 8.45
N LEU A 967 -44.59 4.00 8.58
CA LEU A 967 -43.69 4.27 7.45
C LEU A 967 -43.98 3.35 6.28
N LEU A 968 -44.21 2.07 6.55
CA LEU A 968 -44.31 1.09 5.48
C LEU A 968 -45.74 0.92 4.97
N GLN A 969 -46.66 1.78 5.39
CA GLN A 969 -48.00 1.72 4.86
C GLN A 969 -48.04 2.25 3.44
N GLY A 970 -48.87 1.63 2.62
CA GLY A 970 -49.16 2.21 1.31
C GLY A 970 -47.95 2.26 0.39
N GLU A 971 -47.91 3.31 -0.41
CA GLU A 971 -46.94 3.55 -1.49
C GLU A 971 -45.50 3.30 -1.04
N LEU A 972 -44.86 2.18 -1.44
CA LEU A 972 -43.46 1.93 -1.17
C LEU A 972 -42.68 2.03 -2.48
N PRO A 973 -41.65 2.86 -2.56
CA PRO A 973 -40.93 3.00 -3.84
C PRO A 973 -40.40 1.66 -4.33
N ALA A 974 -40.17 1.58 -5.63
CA ALA A 974 -39.70 0.37 -6.29
C ALA A 974 -38.45 0.71 -7.09
N VAL A 975 -37.28 0.42 -6.53
CA VAL A 975 -36.01 0.60 -7.23
C VAL A 975 -35.82 -0.57 -8.18
N GLN A 976 -36.03 -0.34 -9.47
CA GLN A 976 -35.92 -1.38 -10.50
C GLN A 976 -34.71 -1.06 -11.37
N LEU A 977 -33.59 -1.72 -11.08
CA LEU A 977 -32.39 -1.52 -11.86
C LEU A 977 -32.52 -2.20 -13.22
N PRO A 978 -31.76 -1.73 -14.22
CA PRO A 978 -31.78 -2.41 -15.53
C PRO A 978 -31.06 -3.74 -15.48
N THR A 979 -31.82 -4.83 -15.51
CA THR A 979 -31.28 -6.18 -15.42
C THR A 979 -31.69 -6.98 -16.65
N LYS A 980 -31.28 -8.25 -16.67
CA LYS A 980 -31.76 -9.20 -17.65
C LYS A 980 -33.05 -9.82 -17.16
N LYS A 981 -33.66 -10.67 -17.99
CA LYS A 981 -34.91 -11.32 -17.62
C LYS A 981 -34.70 -12.17 -16.37
N ARG A 982 -35.36 -11.79 -15.28
CA ARG A 982 -35.18 -12.49 -14.03
C ARG A 982 -35.51 -13.97 -14.20
N PRO A 983 -34.83 -14.86 -13.48
CA PRO A 983 -35.23 -16.27 -13.47
C PRO A 983 -36.61 -16.43 -12.89
N PRO A 984 -37.22 -17.62 -13.01
CA PRO A 984 -38.55 -17.83 -12.43
C PRO A 984 -38.55 -17.96 -10.93
N GLN A 985 -37.43 -18.32 -10.34
CA GLN A 985 -37.35 -18.48 -8.87
C GLN A 985 -36.08 -17.79 -8.36
N LEU A 986 -35.92 -17.69 -7.04
CA LEU A 986 -34.79 -17.01 -6.43
C LEU A 986 -33.51 -17.79 -6.67
N THR A 987 -32.53 -17.15 -7.30
CA THR A 987 -31.19 -17.69 -7.48
C THR A 987 -30.23 -16.99 -6.52
N PHE A 988 -29.06 -17.60 -6.34
CA PHE A 988 -28.04 -17.02 -5.47
C PHE A 988 -26.64 -17.06 -6.09
N ASP A 989 -26.52 -17.48 -7.36
CA ASP A 989 -25.24 -17.49 -8.04
C ASP A 989 -24.73 -16.06 -8.19
N GLY A 990 -23.52 -15.81 -7.70
CA GLY A 990 -23.00 -14.45 -7.64
C GLY A 990 -21.53 -14.40 -8.00
N ALA A 991 -21.09 -13.18 -8.31
CA ALA A 991 -19.71 -12.86 -8.59
C ALA A 991 -19.38 -11.52 -7.91
N ILE A 992 -18.12 -11.09 -8.04
CA ILE A 992 -17.57 -9.97 -7.28
C ILE A 992 -16.85 -9.03 -8.23
N GLN A 993 -16.96 -7.73 -7.95
CA GLN A 993 -16.11 -6.69 -8.51
C GLN A 993 -15.75 -5.72 -7.39
N MET A 994 -14.62 -5.03 -7.55
CA MET A 994 -14.03 -4.25 -6.47
C MET A 994 -13.59 -2.89 -6.97
N TYR A 995 -13.66 -1.91 -6.07
CA TYR A 995 -13.25 -0.54 -6.35
C TYR A 995 -12.56 -0.02 -5.10
N ARG A 996 -11.37 0.55 -5.26
CA ARG A 996 -10.52 0.99 -4.16
C ARG A 996 -10.52 2.52 -4.12
N VAL A 997 -10.90 3.10 -2.98
CA VAL A 997 -10.79 4.53 -2.77
C VAL A 997 -9.51 4.79 -1.98
N ASN A 998 -8.58 5.55 -2.57
CA ASN A 998 -7.25 5.69 -2.00
C ASN A 998 -7.29 6.50 -0.71
N PRO A 999 -6.20 6.51 0.06
CA PRO A 999 -6.23 7.25 1.34
C PRO A 999 -6.56 8.72 1.20
N GLU A 1000 -6.05 9.39 0.17
CA GLU A 1000 -6.27 10.84 0.04
C GLU A 1000 -7.75 11.17 -0.05
N ILE A 1001 -8.48 10.46 -0.92
CA ILE A 1001 -9.90 10.72 -1.07
C ILE A 1001 -10.67 10.25 0.16
N THR A 1002 -10.24 9.12 0.75
CA THR A 1002 -10.91 8.63 1.95
C THR A 1002 -10.79 9.64 3.09
N ARG A 1003 -9.63 10.30 3.19
CA ARG A 1003 -9.46 11.31 4.22
C ARG A 1003 -10.37 12.51 3.98
N LYS A 1004 -10.53 12.93 2.75
CA LYS A 1004 -11.39 13.99 2.40
C LYS A 1004 -12.84 13.69 2.75
N LEU A 1005 -13.28 12.49 2.47
CA LEU A 1005 -14.60 12.04 2.79
C LEU A 1005 -14.82 12.05 4.27
N LYS A 1006 -13.85 11.60 5.03
CA LYS A 1006 -13.96 11.56 6.45
C LYS A 1006 -14.01 12.94 7.06
N ALA A 1007 -13.18 13.84 6.55
CA ALA A 1007 -13.15 15.22 7.01
C ALA A 1007 -14.45 15.93 6.67
N THR A 1008 -14.97 15.70 5.45
CA THR A 1008 -16.24 16.30 5.05
C THR A 1008 -17.36 15.86 5.96
N ALA A 1009 -17.45 14.56 6.24
CA ALA A 1009 -18.51 14.06 7.10
C ALA A 1009 -18.50 14.76 8.45
N ALA A 1010 -17.35 14.74 9.15
CA ALA A 1010 -17.28 15.27 10.50
C ALA A 1010 -17.58 16.77 10.54
N LYS A 1011 -17.11 17.51 9.53
CA LYS A 1011 -17.30 18.95 9.53
C LYS A 1011 -18.76 19.35 9.47
N HIS A 1012 -19.64 18.47 8.97
CA HIS A 1012 -21.06 18.75 8.83
C HIS A 1012 -21.91 17.85 9.70
N ASP A 1013 -21.36 17.40 10.83
CA ASP A 1013 -22.12 16.61 11.81
C ASP A 1013 -22.68 15.33 11.20
N LEU A 1014 -21.86 14.66 10.38
CA LEU A 1014 -22.25 13.41 9.73
C LEU A 1014 -21.20 12.34 10.01
N THR A 1015 -21.66 11.09 10.10
CA THR A 1015 -20.75 9.96 10.11
C THR A 1015 -20.38 9.58 8.67
N LEU A 1016 -19.24 8.89 8.53
CA LEU A 1016 -18.83 8.42 7.21
C LEU A 1016 -19.90 7.53 6.59
N TYR A 1017 -20.55 6.71 7.38
CA TYR A 1017 -21.67 5.86 6.94
C TYR A 1017 -22.80 6.71 6.31
N MET A 1018 -23.23 7.78 6.96
CA MET A 1018 -24.31 8.67 6.46
C MET A 1018 -23.88 9.27 5.12
N LEU A 1019 -22.64 9.71 5.02
CA LEU A 1019 -22.06 10.27 3.79
C LEU A 1019 -22.07 9.22 2.66
N MET A 1020 -21.61 7.99 2.91
CA MET A 1020 -21.59 6.96 1.88
C MET A 1020 -23.01 6.49 1.52
N LEU A 1021 -23.88 6.38 2.52
CA LEU A 1021 -25.27 6.01 2.21
C LEU A 1021 -25.92 7.00 1.25
N THR A 1022 -25.60 8.29 1.39
CA THR A 1022 -26.18 9.30 0.51
C THR A 1022 -25.65 9.14 -0.92
N ILE A 1023 -24.35 8.90 -1.07
CA ILE A 1023 -23.79 8.69 -2.40
C ILE A 1023 -24.44 7.47 -3.06
N VAL A 1024 -24.56 6.36 -2.33
CA VAL A 1024 -25.24 5.19 -2.85
C VAL A 1024 -26.66 5.53 -3.30
N SER A 1025 -27.39 6.31 -2.48
CA SER A 1025 -28.78 6.65 -2.81
C SER A 1025 -28.87 7.50 -4.08
N ILE A 1026 -27.97 8.47 -4.23
CA ILE A 1026 -27.94 9.25 -5.47
C ILE A 1026 -27.61 8.36 -6.66
N TRP A 1027 -26.72 7.40 -6.44
CA TRP A 1027 -26.32 6.48 -7.48
C TRP A 1027 -27.52 5.65 -7.93
N LEU A 1028 -28.25 5.10 -6.98
CA LEU A 1028 -29.43 4.30 -7.28
C LEU A 1028 -30.47 5.14 -8.00
N SER A 1029 -30.70 6.35 -7.50
CA SER A 1029 -31.66 7.26 -8.11
C SER A 1029 -31.32 7.54 -9.56
N LYS A 1030 -30.04 7.82 -9.85
CA LYS A 1030 -29.64 8.14 -11.22
C LYS A 1030 -29.92 6.98 -12.17
N MET A 1031 -29.86 5.77 -11.69
CA MET A 1031 -30.08 4.62 -12.50
C MET A 1031 -31.55 4.25 -12.60
N ASN A 1032 -32.39 4.92 -11.88
CA ASN A 1032 -33.83 4.68 -11.86
C ASN A 1032 -34.60 5.90 -12.34
N SER A 1033 -34.06 6.59 -13.34
CA SER A 1033 -34.71 7.74 -13.95
C SER A 1033 -34.84 8.90 -12.96
N ASP A 1034 -33.79 9.14 -12.19
CA ASP A 1034 -33.74 10.25 -11.23
C ASP A 1034 -34.94 10.23 -10.30
N SER A 1035 -35.31 9.04 -9.84
CA SER A 1035 -36.42 8.90 -8.91
C SER A 1035 -36.18 9.72 -7.65
N ASN A 1036 -37.25 10.34 -7.14
CA ASN A 1036 -37.17 11.15 -5.93
C ASN A 1036 -37.13 10.32 -4.66
N GLN A 1037 -37.46 9.04 -4.73
CA GLN A 1037 -37.37 8.15 -3.57
C GLN A 1037 -36.73 6.84 -3.98
N VAL A 1038 -36.01 6.24 -3.03
CA VAL A 1038 -35.39 4.94 -3.23
C VAL A 1038 -35.56 4.13 -1.96
N ILE A 1039 -35.49 2.81 -2.12
CA ILE A 1039 -35.51 1.89 -1.00
C ILE A 1039 -34.29 0.98 -1.15
N LEU A 1040 -33.60 0.76 -0.04
CA LEU A 1040 -32.44 -0.11 0.00
C LEU A 1040 -32.24 -0.62 1.42
N GLY A 1041 -31.81 -1.87 1.56
CA GLY A 1041 -31.59 -2.44 2.86
C GLY A 1041 -30.22 -2.11 3.43
N THR A 1042 -30.12 -2.23 4.74
CA THR A 1042 -28.85 -2.13 5.43
C THR A 1042 -28.90 -3.07 6.64
N VAL A 1043 -27.82 -3.10 7.40
CA VAL A 1043 -27.72 -3.97 8.57
C VAL A 1043 -27.14 -3.18 9.72
N THR A 1044 -27.57 -3.52 10.92
CA THR A 1044 -27.06 -2.94 12.16
C THR A 1044 -26.45 -4.06 12.99
N ASP A 1045 -25.58 -3.78 13.93
CA ASP A 1045 -24.96 -4.82 14.78
C ASP A 1045 -26.02 -5.54 15.62
N GLY A 1046 -27.09 -4.87 16.03
CA GLY A 1046 -28.21 -5.44 16.77
C GLY A 1046 -27.88 -5.84 18.19
N ARG A 1047 -26.84 -5.30 18.80
CA ARG A 1047 -26.40 -5.63 20.17
C ARG A 1047 -27.22 -4.74 21.11
N GLN A 1048 -28.48 -5.10 21.33
CA GLN A 1048 -29.42 -4.25 22.06
C GLN A 1048 -28.95 -4.02 23.49
N HIS A 1049 -28.64 -5.09 24.20
CA HIS A 1049 -28.17 -4.99 25.59
C HIS A 1049 -26.67 -4.75 25.61
N PRO A 1050 -26.18 -3.75 26.37
CA PRO A 1050 -24.74 -3.45 26.34
C PRO A 1050 -23.85 -4.56 26.85
N ASP A 1051 -24.41 -5.53 27.59
CA ASP A 1051 -23.64 -6.67 28.10
C ASP A 1051 -23.44 -7.77 27.06
N THR A 1052 -23.62 -7.46 25.77
CA THR A 1052 -23.50 -8.46 24.71
C THR A 1052 -22.35 -8.20 23.75
N ARG A 1053 -21.54 -7.16 23.97
CA ARG A 1053 -20.55 -6.75 22.99
C ARG A 1053 -19.31 -7.65 22.97
N GLU A 1054 -19.26 -8.68 23.80
CA GLU A 1054 -18.14 -9.62 23.77
C GLU A 1054 -18.60 -11.06 23.55
N LEU A 1055 -19.87 -11.26 23.16
CA LEU A 1055 -20.41 -12.58 22.93
C LEU A 1055 -20.27 -12.98 21.46
N LEU A 1056 -20.17 -14.29 21.24
CA LEU A 1056 -20.24 -14.85 19.90
C LEU A 1056 -21.68 -15.25 19.60
N GLY A 1057 -22.18 -14.81 18.45
CA GLY A 1057 -23.54 -15.13 18.06
C GLY A 1057 -24.01 -14.17 16.98
N MET A 1058 -25.24 -14.42 16.53
CA MET A 1058 -25.87 -13.63 15.48
C MET A 1058 -26.78 -12.59 16.13
N PHE A 1059 -26.37 -11.33 16.09
CA PHE A 1059 -27.19 -10.23 16.58
C PHE A 1059 -27.71 -9.33 15.47
N VAL A 1060 -27.13 -9.42 14.27
CA VAL A 1060 -27.38 -8.44 13.22
C VAL A 1060 -28.86 -8.42 12.84
N ASN A 1061 -29.39 -7.21 12.64
N ASN A 1061 -29.39 -7.22 12.63
CA ASN A 1061 -30.76 -7.01 12.19
CA ASN A 1061 -30.77 -7.04 12.18
C ASN A 1061 -30.76 -6.29 10.85
C ASN A 1061 -30.78 -6.28 10.87
N THR A 1062 -31.69 -6.67 9.98
CA THR A 1062 -31.84 -6.03 8.68
C THR A 1062 -32.93 -4.96 8.74
N LEU A 1063 -32.67 -3.83 8.09
CA LEU A 1063 -33.61 -2.71 8.12
C LEU A 1063 -33.80 -2.14 6.71
N PRO A 1064 -35.03 -1.86 6.31
CA PRO A 1064 -35.24 -1.07 5.09
C PRO A 1064 -35.08 0.42 5.38
N LEU A 1065 -34.55 1.13 4.40
CA LEU A 1065 -34.36 2.58 4.48
C LEU A 1065 -35.12 3.22 3.33
N LEU A 1066 -36.14 4.01 3.65
CA LEU A 1066 -36.84 4.83 2.67
C LEU A 1066 -36.18 6.20 2.65
N LEU A 1067 -35.50 6.51 1.55
CA LEU A 1067 -34.72 7.74 1.45
C LEU A 1067 -35.25 8.58 0.29
N SER A 1068 -35.08 9.89 0.41
CA SER A 1068 -35.51 10.83 -0.61
C SER A 1068 -34.30 11.58 -1.13
N ILE A 1069 -34.20 11.69 -2.45
CA ILE A 1069 -33.16 12.46 -3.12
C ILE A 1069 -33.82 13.63 -3.82
N ASP A 1070 -33.40 14.84 -3.47
CA ASP A 1070 -33.90 16.07 -4.10
C ASP A 1070 -32.86 16.53 -5.11
N HIS A 1071 -33.10 16.24 -6.39
CA HIS A 1071 -32.14 16.57 -7.45
C HIS A 1071 -31.99 18.08 -7.68
N GLU A 1072 -32.90 18.90 -7.15
CA GLU A 1072 -32.77 20.34 -7.27
C GLU A 1072 -31.89 20.96 -6.19
N GLU A 1073 -31.58 20.21 -5.14
CA GLU A 1073 -30.82 20.73 -4.01
C GLU A 1073 -29.38 20.23 -4.04
N SER A 1074 -28.55 20.87 -3.22
CA SER A 1074 -27.13 20.56 -3.21
C SER A 1074 -26.88 19.20 -2.55
N PHE A 1075 -25.64 18.71 -2.75
CA PHE A 1075 -25.22 17.49 -2.08
C PHE A 1075 -25.33 17.64 -0.57
N LEU A 1076 -24.82 18.75 -0.03
CA LEU A 1076 -24.91 19.00 1.40
C LEU A 1076 -26.35 18.96 1.91
N HIS A 1077 -27.29 19.50 1.13
CA HIS A 1077 -28.68 19.49 1.56
C HIS A 1077 -29.22 18.06 1.63
N ASN A 1078 -28.93 17.24 0.61
CA ASN A 1078 -29.41 15.86 0.63
C ASN A 1078 -28.76 15.06 1.76
N LEU A 1079 -27.53 15.41 2.12
CA LEU A 1079 -26.84 14.74 3.21
C LEU A 1079 -27.64 14.87 4.51
N GLN A 1080 -28.06 16.09 4.82
CA GLN A 1080 -28.83 16.35 6.04
C GLN A 1080 -30.19 15.65 6.00
N GLN A 1081 -30.81 15.59 4.83
CA GLN A 1081 -32.10 14.91 4.70
C GLN A 1081 -31.97 13.38 4.84
N VAL A 1082 -30.81 12.83 4.51
CA VAL A 1082 -30.61 11.39 4.71
C VAL A 1082 -30.43 11.10 6.20
N LYS A 1083 -29.64 11.92 6.88
CA LYS A 1083 -29.52 11.81 8.34
C LYS A 1083 -30.90 11.80 8.99
N ALA A 1084 -31.75 12.78 8.61
CA ALA A 1084 -33.05 12.92 9.25
C ALA A 1084 -33.89 11.66 9.12
N LYS A 1085 -33.75 10.95 8.00
CA LYS A 1085 -34.50 9.71 7.80
C LYS A 1085 -33.81 8.49 8.41
N LEU A 1086 -32.49 8.53 8.58
CA LEU A 1086 -31.76 7.39 9.11
C LEU A 1086 -31.95 7.27 10.63
N LEU A 1087 -31.84 8.38 11.35
CA LEU A 1087 -31.87 8.32 12.81
C LEU A 1087 -33.16 7.71 13.34
N PRO A 1088 -34.36 8.09 12.87
CA PRO A 1088 -35.56 7.38 13.34
C PRO A 1088 -35.52 5.89 13.07
N ALA A 1089 -34.96 5.48 11.92
CA ALA A 1089 -34.83 4.05 11.64
C ALA A 1089 -33.92 3.37 12.65
N LEU A 1090 -32.84 4.05 13.06
CA LEU A 1090 -31.96 3.48 14.08
C LEU A 1090 -32.62 3.50 15.46
N GLN A 1091 -33.45 4.52 15.74
CA GLN A 1091 -34.13 4.61 17.02
C GLN A 1091 -35.14 3.49 17.22
N ASN A 1092 -35.64 2.90 16.14
CA ASN A 1092 -36.61 1.81 16.19
C ASN A 1092 -36.08 0.56 15.51
N GLN A 1093 -34.79 0.29 15.70
CA GLN A 1093 -34.13 -0.78 14.95
C GLN A 1093 -34.36 -2.16 15.53
N TYR A 1094 -34.92 -2.27 16.73
CA TYR A 1094 -34.92 -3.55 17.44
C TYR A 1094 -36.19 -4.35 17.20
N VAL A 1095 -36.82 -4.19 16.06
CA VAL A 1095 -37.96 -5.01 15.66
C VAL A 1095 -37.43 -6.09 14.72
N PRO A 1096 -37.74 -7.37 14.96
CA PRO A 1096 -37.25 -8.42 14.05
C PRO A 1096 -37.76 -8.20 12.64
N PHE A 1097 -36.87 -8.41 11.67
CA PHE A 1097 -37.19 -8.13 10.28
C PHE A 1097 -38.49 -8.80 9.85
N ASP A 1098 -38.82 -9.95 10.44
CA ASP A 1098 -40.04 -10.64 10.07
C ASP A 1098 -41.28 -9.81 10.42
N LYS A 1099 -41.23 -9.10 11.55
CA LYS A 1099 -42.34 -8.22 11.91
C LYS A 1099 -42.40 -7.00 11.01
N ILE A 1100 -41.25 -6.53 10.54
CA ILE A 1100 -41.25 -5.42 9.59
C ILE A 1100 -41.89 -5.83 8.28
N LEU A 1101 -41.77 -7.11 7.92
CA LEU A 1101 -42.43 -7.58 6.70
C LEU A 1101 -43.94 -7.65 6.88
N GLU A 1102 -44.40 -7.95 8.10
CA GLU A 1102 -45.83 -7.90 8.38
C GLU A 1102 -46.35 -6.48 8.27
N ALA A 1103 -45.67 -5.52 8.91
CA ALA A 1103 -46.07 -4.13 8.86
C ALA A 1103 -46.16 -3.59 7.44
N ALA A 1104 -45.51 -4.24 6.48
CA ALA A 1104 -45.61 -3.85 5.08
C ALA A 1104 -46.49 -4.79 4.28
N ARG A 1105 -47.08 -5.80 4.93
CA ARG A 1105 -47.99 -6.78 4.30
C ARG A 1105 -47.31 -7.48 3.12
N VAL A 1106 -46.00 -7.73 3.21
CA VAL A 1106 -45.23 -8.44 2.20
C VAL A 1106 -44.77 -9.76 2.78
N LYS A 1107 -44.55 -10.75 1.91
CA LYS A 1107 -44.15 -12.09 2.32
C LYS A 1107 -42.95 -12.53 1.50
N ARG A 1108 -42.22 -13.50 2.05
CA ARG A 1108 -41.04 -14.07 1.39
C ARG A 1108 -41.51 -15.04 0.31
N GLU A 1109 -41.78 -14.52 -0.88
CA GLU A 1109 -42.22 -15.33 -2.01
C GLU A 1109 -41.77 -14.67 -3.31
N GLY A 1110 -41.98 -15.38 -4.40
CA GLY A 1110 -41.63 -14.87 -5.71
C GLY A 1110 -40.15 -14.99 -6.01
N ASN A 1111 -39.76 -14.37 -7.11
CA ASN A 1111 -38.37 -14.35 -7.56
C ASN A 1111 -37.62 -13.11 -7.11
N ARG A 1112 -38.23 -12.29 -6.24
CA ARG A 1112 -37.59 -11.08 -5.74
C ARG A 1112 -37.60 -11.10 -4.21
N HIS A 1113 -36.64 -10.42 -3.64
CA HIS A 1113 -36.61 -10.30 -2.19
C HIS A 1113 -37.67 -9.29 -1.74
N PRO A 1114 -38.37 -9.57 -0.63
CA PRO A 1114 -39.59 -8.82 -0.31
C PRO A 1114 -39.53 -7.30 -0.47
N LEU A 1115 -38.73 -6.61 0.35
CA LEU A 1115 -38.81 -5.15 0.41
C LEU A 1115 -37.79 -4.43 -0.46
N PHE A 1116 -36.60 -4.99 -0.66
CA PHE A 1116 -35.57 -4.28 -1.38
C PHE A 1116 -34.74 -5.26 -2.18
N ASP A 1117 -34.16 -4.76 -3.27
CA ASP A 1117 -33.24 -5.54 -4.10
C ASP A 1117 -31.78 -5.23 -3.83
N VAL A 1118 -31.47 -4.04 -3.30
CA VAL A 1118 -30.10 -3.59 -3.07
C VAL A 1118 -29.85 -3.56 -1.58
N MET A 1119 -28.73 -4.16 -1.16
CA MET A 1119 -28.27 -4.13 0.21
C MET A 1119 -26.99 -3.31 0.30
N PHE A 1120 -26.91 -2.46 1.32
CA PHE A 1120 -25.73 -1.64 1.59
C PHE A 1120 -25.29 -1.86 3.02
N MET A 1121 -24.05 -2.33 3.20
CA MET A 1121 -23.52 -2.54 4.55
C MET A 1121 -22.09 -2.01 4.62
N MET A 1122 -21.67 -1.72 5.84
CA MET A 1122 -20.39 -1.05 6.06
C MET A 1122 -19.83 -1.50 7.40
N GLN A 1123 -18.52 -1.69 7.43
CA GLN A 1123 -17.78 -2.05 8.63
C GLN A 1123 -16.72 -1.01 8.93
N GLY A 1124 -16.46 -0.80 10.22
CA GLY A 1124 -15.39 0.08 10.63
C GLY A 1124 -14.02 -0.54 10.44
N ALA A 1125 -13.00 0.22 10.83
CA ALA A 1125 -11.63 -0.24 10.70
C ALA A 1125 -11.38 -1.42 11.62
N PRO A 1126 -10.39 -2.26 11.29
CA PRO A 1126 -10.09 -3.42 12.13
C PRO A 1126 -9.59 -3.00 13.50
N GLU A 1127 -9.89 -3.82 14.50
CA GLU A 1127 -9.49 -3.56 15.88
C GLU A 1127 -8.12 -4.14 16.22
N THR A 1128 -7.62 -5.10 15.44
CA THR A 1128 -6.34 -5.73 15.72
C THR A 1128 -5.59 -6.01 14.42
N GLU A 1129 -4.28 -6.19 14.56
CA GLU A 1129 -3.46 -6.53 13.41
C GLU A 1129 -3.95 -7.81 12.75
N LEU A 1130 -4.34 -8.80 13.53
CA LEU A 1130 -4.80 -10.09 13.00
C LEU A 1130 -6.07 -9.88 12.17
N GLU A 1131 -7.06 -9.14 12.70
CA GLU A 1131 -8.30 -8.87 11.97
C GLU A 1131 -8.02 -8.20 10.63
N SER A 1132 -7.09 -7.25 10.62
CA SER A 1132 -6.74 -6.53 9.38
C SER A 1132 -6.10 -7.51 8.38
N ASN A 1133 -5.56 -8.66 8.82
CA ASN A 1133 -5.03 -9.66 7.91
C ASN A 1133 -6.04 -10.77 7.61
N MET A 1134 -7.29 -10.57 7.90
CA MET A 1134 -8.34 -11.51 7.62
C MET A 1134 -9.03 -11.11 6.32
N HIS A 1135 -9.25 -12.04 5.45
CA HIS A 1135 -9.87 -11.77 4.16
C HIS A 1135 -11.12 -12.62 4.04
N HIS A 1136 -12.22 -12.00 3.66
CA HIS A 1136 -13.48 -12.71 3.46
C HIS A 1136 -13.47 -13.32 2.07
N ILE A 1137 -13.81 -14.59 1.99
CA ILE A 1137 -13.80 -15.32 0.72
C ILE A 1137 -15.25 -15.54 0.30
N ASN A 1138 -15.57 -15.05 -0.90
CA ASN A 1138 -16.90 -15.26 -1.46
C ASN A 1138 -16.95 -16.63 -2.14
N ALA A 1139 -17.97 -17.42 -1.79
CA ALA A 1139 -18.15 -18.75 -2.35
C ALA A 1139 -19.04 -18.75 -3.59
N GLY A 1140 -19.04 -17.66 -4.35
CA GLY A 1140 -19.91 -17.56 -5.51
C GLY A 1140 -21.37 -17.38 -5.16
N ILE A 1141 -21.67 -16.64 -4.10
CA ILE A 1141 -23.02 -16.47 -3.60
C ILE A 1141 -23.39 -14.99 -3.62
N SER A 1142 -24.63 -14.68 -3.97
CA SER A 1142 -25.19 -13.33 -3.90
C SER A 1142 -26.55 -13.43 -3.24
N LYS A 1143 -26.62 -13.05 -1.95
CA LYS A 1143 -27.87 -13.11 -1.20
C LYS A 1143 -28.94 -12.20 -1.77
N PHE A 1144 -28.55 -11.14 -2.50
CA PHE A 1144 -29.49 -10.19 -3.07
C PHE A 1144 -29.13 -9.97 -4.53
N ASP A 1145 -29.96 -9.17 -5.22
CA ASP A 1145 -29.63 -8.79 -6.58
C ASP A 1145 -28.26 -8.10 -6.62
N LEU A 1146 -28.00 -7.22 -5.66
CA LEU A 1146 -26.78 -6.44 -5.61
C LEU A 1146 -26.53 -6.05 -4.16
N THR A 1147 -25.31 -6.31 -3.70
CA THR A 1147 -24.86 -5.90 -2.38
C THR A 1147 -23.61 -5.04 -2.56
N LEU A 1148 -23.58 -3.91 -1.86
CA LEU A 1148 -22.40 -3.06 -1.79
C LEU A 1148 -21.89 -3.09 -0.35
N GLU A 1149 -20.62 -3.46 -0.18
CA GLU A 1149 -19.99 -3.47 1.13
C GLU A 1149 -18.80 -2.53 1.11
N VAL A 1150 -18.70 -1.67 2.11
CA VAL A 1150 -17.57 -0.76 2.26
C VAL A 1150 -16.78 -1.22 3.47
N LEU A 1151 -15.49 -1.48 3.27
CA LEU A 1151 -14.57 -1.84 4.34
C LEU A 1151 -13.45 -0.82 4.38
N GLU A 1152 -13.11 -0.37 5.59
CA GLU A 1152 -11.97 0.51 5.80
C GLU A 1152 -10.73 -0.36 5.98
N ARG A 1153 -9.77 -0.24 5.07
CA ARG A 1153 -8.57 -1.06 5.09
C ARG A 1153 -7.38 -0.22 4.62
N GLU A 1154 -6.32 -0.22 5.43
CA GLU A 1154 -5.08 0.50 5.10
C GLU A 1154 -5.36 1.94 4.66
N ASN A 1155 -6.09 2.66 5.51
CA ASN A 1155 -6.38 4.09 5.37
C ASN A 1155 -7.22 4.42 4.15
N GLY A 1156 -7.74 3.41 3.45
CA GLY A 1156 -8.62 3.61 2.32
C GLY A 1156 -9.94 2.88 2.47
N LEU A 1157 -10.74 2.88 1.42
CA LEU A 1157 -12.00 2.14 1.40
C LEU A 1157 -11.93 1.10 0.29
N ASN A 1158 -12.24 -0.16 0.64
CA ASN A 1158 -12.45 -1.23 -0.32
C ASN A 1158 -13.96 -1.41 -0.48
N ILE A 1159 -14.45 -1.18 -1.70
CA ILE A 1159 -15.88 -1.25 -2.00
C ILE A 1159 -16.11 -2.47 -2.87
N VAL A 1160 -16.87 -3.43 -2.35
CA VAL A 1160 -17.13 -4.69 -3.03
C VAL A 1160 -18.56 -4.67 -3.54
N PHE A 1161 -18.72 -4.99 -4.82
CA PHE A 1161 -20.01 -5.13 -5.49
C PHE A 1161 -20.27 -6.62 -5.71
N GLU A 1162 -21.14 -7.20 -4.89
CA GLU A 1162 -21.57 -8.58 -5.02
C GLU A 1162 -22.91 -8.60 -5.75
N TYR A 1163 -22.96 -9.29 -6.89
CA TYR A 1163 -24.10 -9.19 -7.78
C TYR A 1163 -24.51 -10.57 -8.25
N ASN A 1164 -25.80 -10.69 -8.60
CA ASN A 1164 -26.35 -11.94 -9.12
C ASN A 1164 -26.03 -12.06 -10.60
N THR A 1165 -25.42 -13.18 -10.99
CA THR A 1165 -24.94 -13.35 -12.36
C THR A 1165 -26.05 -13.62 -13.37
N HIS A 1166 -27.22 -14.08 -12.91
CA HIS A 1166 -28.37 -14.24 -13.81
C HIS A 1166 -29.03 -12.91 -14.17
N LEU A 1167 -28.72 -11.84 -13.43
CA LEU A 1167 -29.31 -10.53 -13.67
C LEU A 1167 -28.34 -9.54 -14.30
N PHE A 1168 -27.06 -9.60 -13.94
CA PHE A 1168 -26.04 -8.72 -14.49
C PHE A 1168 -24.92 -9.54 -15.10
N ASP A 1169 -24.49 -9.16 -16.28
CA ASP A 1169 -23.28 -9.71 -16.89
C ASP A 1169 -22.11 -8.79 -16.60
N GLU A 1170 -20.90 -9.29 -16.84
CA GLU A 1170 -19.70 -8.54 -16.49
C GLU A 1170 -19.71 -7.15 -17.12
N GLY A 1171 -20.19 -7.05 -18.36
CA GLY A 1171 -20.20 -5.76 -19.03
C GLY A 1171 -21.01 -4.71 -18.30
N MET A 1172 -22.19 -5.09 -17.80
CA MET A 1172 -23.04 -4.13 -17.09
C MET A 1172 -22.43 -3.73 -15.76
N ILE A 1173 -21.92 -4.70 -15.00
CA ILE A 1173 -21.34 -4.40 -13.69
C ILE A 1173 -20.13 -3.47 -13.83
N LEU A 1174 -19.29 -3.72 -14.84
CA LEU A 1174 -18.11 -2.90 -15.04
C LEU A 1174 -18.49 -1.45 -15.32
N ARG A 1175 -19.59 -1.23 -16.05
CA ARG A 1175 -20.07 0.13 -16.28
C ARG A 1175 -20.63 0.73 -15.00
N MET A 1176 -21.37 -0.05 -14.21
CA MET A 1176 -21.96 0.46 -12.99
C MET A 1176 -20.91 0.83 -11.95
N VAL A 1177 -19.84 0.05 -11.87
CA VAL A 1177 -18.75 0.38 -10.95
C VAL A 1177 -18.03 1.63 -11.43
N ALA A 1178 -17.80 1.76 -12.74
CA ALA A 1178 -17.20 2.97 -13.28
C ALA A 1178 -18.06 4.19 -12.98
N GLN A 1179 -19.38 4.06 -13.09
CA GLN A 1179 -20.26 5.21 -12.84
C GLN A 1179 -20.28 5.56 -11.35
N PHE A 1180 -20.20 4.56 -10.47
CA PHE A 1180 -20.14 4.86 -9.05
C PHE A 1180 -18.91 5.69 -8.72
N GLU A 1181 -17.74 5.25 -9.19
CA GLU A 1181 -16.51 5.99 -8.92
C GLU A 1181 -16.61 7.42 -9.43
N HIS A 1182 -17.06 7.59 -10.68
CA HIS A 1182 -17.17 8.93 -11.23
C HIS A 1182 -18.11 9.80 -10.40
N LEU A 1183 -19.23 9.24 -9.97
CA LEU A 1183 -20.19 10.00 -9.16
C LEU A 1183 -19.57 10.39 -7.82
N LEU A 1184 -18.81 9.48 -7.22
CA LEU A 1184 -18.20 9.74 -5.91
C LEU A 1184 -17.18 10.86 -6.00
N LEU A 1185 -16.41 10.90 -7.07
CA LEU A 1185 -15.35 11.91 -7.24
C LEU A 1185 -15.99 13.29 -7.40
N GLN A 1186 -17.09 13.41 -8.14
CA GLN A 1186 -17.86 14.66 -8.30
C GLN A 1186 -18.40 15.14 -6.94
N ALA A 1187 -18.97 14.24 -6.15
CA ALA A 1187 -19.52 14.61 -4.85
C ALA A 1187 -18.47 15.24 -3.95
N VAL A 1188 -17.41 14.50 -3.66
CA VAL A 1188 -16.33 14.97 -2.79
C VAL A 1188 -15.83 16.37 -3.17
N HIS A 1189 -15.74 16.62 -4.48
CA HIS A 1189 -15.26 17.92 -4.98
C HIS A 1189 -16.41 18.89 -5.24
N GLY A 1190 -17.68 18.58 -4.95
CA GLY A 1190 -18.80 19.45 -5.25
C GLY A 1190 -19.87 19.40 -4.19
N LEU A 1191 -19.54 19.86 -2.99
CA LEU A 1191 -20.47 19.76 -1.87
C LEU A 1191 -21.66 20.70 -2.05
N ASP A 1192 -21.41 21.92 -2.53
CA ASP A 1192 -22.48 22.90 -2.72
C ASP A 1192 -23.11 22.83 -4.10
N GLN A 1193 -22.81 21.78 -4.87
CA GLN A 1193 -23.33 21.62 -6.22
C GLN A 1193 -24.67 20.89 -6.16
N GLN A 1194 -25.55 21.22 -7.11
CA GLN A 1194 -26.83 20.54 -7.22
C GLN A 1194 -26.65 19.12 -7.72
N VAL A 1195 -27.45 18.20 -7.16
CA VAL A 1195 -27.31 16.79 -7.49
C VAL A 1195 -27.62 16.54 -8.97
N LYS A 1196 -28.54 17.31 -9.55
CA LYS A 1196 -28.87 17.09 -10.95
C LYS A 1196 -27.68 17.38 -11.87
N ARG A 1197 -26.69 18.12 -11.38
CA ARG A 1197 -25.50 18.38 -12.18
C ARG A 1197 -24.45 17.28 -12.12
N PHE A 1198 -24.59 16.32 -11.21
CA PHE A 1198 -23.74 15.13 -11.21
C PHE A 1198 -24.17 14.19 -12.33
N GLU A 1199 -23.21 13.75 -13.13
CA GLU A 1199 -23.48 12.86 -14.25
C GLU A 1199 -22.82 11.51 -14.02
N LEU A 1200 -23.41 10.48 -14.62
CA LEU A 1200 -22.86 9.13 -14.50
C LEU A 1200 -21.74 8.85 -15.49
N VAL A 1201 -21.81 9.44 -16.69
CA VAL A 1201 -20.77 9.25 -17.71
C VAL A 1201 -20.39 10.58 -18.33
OAG 9EF B . -21.29 5.39 12.15
PAW 9EF B . -22.89 5.18 11.98
OAH 9EF B . -23.55 6.20 10.88
OAR 9EF B . -23.20 3.62 11.60
CAN 9EF B . -24.52 3.27 11.34
CAX 9EF B . -24.57 1.77 11.49
CAB 9EF B . -23.63 1.16 10.47
CAC 9EF B . -25.97 1.26 11.22
CAV 9EF B . -24.15 1.41 12.92
OAI 9EF B . -25.14 1.70 13.83
CAU 9EF B . -23.88 -0.09 12.93
OAF 9EF B . -24.76 -0.87 13.08
NAQ 9EF B . -22.53 -0.54 12.73
CAL 9EF B . -22.32 -1.98 12.72
CAM 9EF B . -22.81 -2.45 11.33
CAT 9EF B . -22.31 -3.86 11.03
OAE 9EF B . -22.27 -4.72 11.84
NAP 9EF B . -21.84 -4.16 9.69
CAK 9EF B . -21.37 -5.51 9.47
CAJ 9EF B . -22.52 -6.50 9.48
NAO 9EF B . -22.01 -7.53 8.60
CAS 9EF B . -21.97 -8.94 8.98
OAD 9EF B . -22.38 -9.32 10.02
CAA 9EF B . -21.37 -9.86 7.92
H2 9EF B . -25.11 3.69 11.99
H3 9EF B . -24.78 3.53 10.45
H4 9EF B . -23.85 0.23 10.35
H5 9EF B . -22.71 1.23 10.80
H6 9EF B . -23.70 1.63 9.63
H7 9EF B . -25.97 0.28 11.24
H8 9EF B . -26.27 1.57 10.35
H9 9EF B . -26.58 1.59 11.90
H10 9EF B . -23.35 1.93 13.16
H11 9EF B . -24.80 1.98 14.56
H12 9EF B . -21.88 0.01 12.63
H13 9EF B . -22.82 -2.41 13.42
H14 9EF B . -21.38 -2.18 12.82
H15 9EF B . -23.78 -2.44 11.33
H16 9EF B . -22.49 -1.84 10.66
H17 9EF B . -21.85 -3.57 9.06
H18 9EF B . -20.74 -5.75 10.18
H19 9EF B . -20.91 -5.56 8.62
H20 9EF B . -22.70 -6.85 10.37
H21 9EF B . -23.33 -6.11 9.13
H22 9EF B . -21.72 -7.31 7.83
PG APC C . 20.38 13.57 5.69
O1G APC C . 19.01 14.14 5.34
O2G APC C . 20.23 12.42 6.64
O3G APC C . 21.23 14.65 6.32
PB APC C . 22.67 12.50 4.24
O1B APC C . 23.64 13.64 4.09
O2B APC C . 22.99 11.73 5.51
O3B APC C . 21.11 13.05 4.31
PA APC C . 22.44 12.33 1.25
O1A APC C . 23.06 13.71 1.36
O2A APC C . 23.02 11.58 0.08
C3A APC C . 22.83 11.36 2.79
O5' APC C . 20.81 12.46 1.09
C5' APC C . 20.12 11.32 0.65
C4' APC C . 18.64 11.41 1.08
O4' APC C . 18.16 12.61 0.89
C3' APC C . 17.79 10.50 0.17
O3' APC C . 17.77 9.24 0.70
C2' APC C . 16.40 11.18 0.21
O2' APC C . 15.67 10.64 1.40
C1' APC C . 16.65 12.47 0.33
N9 APC C . 16.56 13.12 -0.96
C8 APC C . 17.49 13.39 -1.88
N7 APC C . 16.91 14.02 -2.91
C5 APC C . 15.62 14.16 -2.60
C6 APC C . 14.58 14.73 -3.29
N6 APC C . 14.48 15.39 -4.58
N1 APC C . 13.36 14.75 -2.77
C2 APC C . 13.14 14.20 -1.56
N3 APC C . 14.16 13.63 -0.87
C4 APC C . 15.40 13.61 -1.40
H3A1 APC C . 22.20 10.62 2.88
H3A2 APC C . 23.73 11.01 2.75
H5'1 APC C . 20.52 10.53 1.05
H5'2 APC C . 20.17 11.27 -0.31
H4' APC C . 18.54 11.17 2.01
H3' APC C . 18.11 10.44 -0.74
H2' APC C . 15.90 11.04 -0.60
HO2' APC C . 15.09 10.08 1.14
H1' APC C . 16.00 12.83 0.96
H8 APC C . 18.39 13.15 -1.84
HN61 APC C . 14.28 16.23 -4.62
HN62 APC C . 14.63 14.95 -5.31
H2 APC C . 12.28 14.20 -1.19
N VAL D . 20.82 14.74 -4.05
CA VAL D . 22.19 14.42 -3.65
C VAL D . 22.22 14.34 -2.13
O VAL D . 21.33 14.85 -1.44
CB VAL D . 23.21 15.48 -4.18
CG1 VAL D . 22.66 16.18 -5.39
CG2 VAL D . 23.58 16.48 -3.10
OXT VAL D . 23.17 13.78 -1.57
HA VAL D . 22.45 13.57 -4.03
HB VAL D . 24.02 15.01 -4.42
HG11 VAL D . 23.37 16.72 -5.79
HG12 VAL D . 22.34 15.52 -6.03
HG13 VAL D . 21.93 16.75 -5.13
HG21 VAL D . 24.09 17.20 -3.49
HG22 VAL D . 22.76 16.83 -2.71
HG23 VAL D . 24.11 16.03 -2.41
#